data_5F8R
#
_entry.id   5F8R
#
_cell.length_a   50.794
_cell.length_b   131.914
_cell.length_c   125.393
_cell.angle_alpha   90.00
_cell.angle_beta   94.88
_cell.angle_gamma   90.00
#
_symmetry.space_group_name_H-M   'P 1 21 1'
#
loop_
_entity.id
_entity.type
_entity.pdbx_description
1 polymer 'Adhesin binding fucosylated histo-blood group antigen,Adhesin,Adhesin binding fucosylated histo-blood group antigen'
2 polymer 'Nanobody Nb-ER19'
3 branched alpha-L-fucopyranose-(1-2)-beta-D-galactopyranose-(1-3)-[alpha-L-fucopyranose-(1-4)]2-acetamido-2-deoxy-beta-D-glucopyranose-(1-3)-beta-D-galactopyranose-(1-4)-beta-D-glucopyranose
4 water water
#
loop_
_entity_poly.entity_id
_entity_poly.type
_entity_poly.pdbx_seq_one_letter_code
_entity_poly.pdbx_strand_id
1 'polypeptide(L)'
;ASWSHPQFEKSGGGGGLVPRGSGIQDLSDNYENLSKLLTRYSTLNTLIKLSADPSAINAARENLGASAKNLIGDTKNSPA
YQAVLLAINAAVGFWNVLGYATQCGGNANGQESTSSTTIFNNEPGYRSTSITCSLNRYKPGYYGPMSIENFKKLNEAYQI
LQTALNKGLPALKENNGTVSVTYTYTCSGEGNDNCLPKVTGVDNQNGGTKTKTQTIDGKTVTTTISSKVVDSQAKGNTTR
VSYTEITNKLDGVPDSAQALLAQASTLINTINTACPYFSVTNKSGGPQMEPTRGKLCGFTEEISAIQKMITDAQELVNQT
SVINEHEQSTPVGGNNGKPFNPFTDASFAQGMLANASAQAKMLNLAHQVGQTINPDNLTGTFKNFVTGFLATCNNKSTAG
TSGTQGSPPGTVTTQTFASGCAYVEQTITNLNNSIAHFGTQEQQIQQAENIADTLVNFGSHHHHHH
;
A,B
2 'polypeptide(L)'
;QVQLQESGGGLVQPGGSLRLSCAASGSIFSGNVMGWYRQAPGKLREWVAAITPQGVPNYADSVKGRFTISRDNAKNMLYL
QMSSLKPEDTALYYCNRLPNYRSWGQGTQVTVSSHHHHHH
;
C,D
#
# COMPACT_ATOMS: atom_id res chain seq x y z
N ASN A 33 -30.49 -34.62 34.03
CA ASN A 33 -31.93 -34.69 34.48
C ASN A 33 -32.76 -33.37 34.58
N LEU A 34 -33.97 -33.39 34.04
CA LEU A 34 -34.66 -32.15 33.71
C LEU A 34 -35.41 -31.55 34.89
N SER A 35 -36.02 -32.37 35.72
CA SER A 35 -36.61 -31.92 37.00
C SER A 35 -35.56 -31.20 37.85
N LYS A 36 -34.35 -31.77 37.95
CA LYS A 36 -33.26 -31.13 38.68
C LYS A 36 -33.01 -29.77 38.06
N LEU A 37 -33.06 -29.73 36.75
CA LEU A 37 -32.76 -28.51 36.07
C LEU A 37 -33.82 -27.40 36.21
N LEU A 38 -35.07 -27.78 36.29
CA LEU A 38 -36.16 -26.84 36.33
C LEU A 38 -36.43 -26.38 37.74
N THR A 39 -35.97 -27.14 38.71
CA THR A 39 -36.09 -26.66 40.10
C THR A 39 -35.17 -25.44 40.24
N ARG A 40 -34.03 -25.44 39.56
CA ARG A 40 -33.15 -24.27 39.61
C ARG A 40 -33.56 -23.12 38.66
N TYR A 41 -34.17 -23.42 37.50
CA TYR A 41 -34.47 -22.36 36.53
C TYR A 41 -35.91 -22.43 36.17
N SER A 42 -36.77 -21.95 37.06
CA SER A 42 -38.18 -22.17 36.87
C SER A 42 -38.73 -21.32 35.72
N THR A 43 -38.01 -20.27 35.30
CA THR A 43 -38.44 -19.58 34.08
C THR A 43 -38.38 -20.47 32.81
N LEU A 44 -37.54 -21.52 32.89
CA LEU A 44 -37.38 -22.41 31.76
C LEU A 44 -38.52 -23.41 31.73
N ASN A 45 -38.98 -23.81 32.91
CA ASN A 45 -40.17 -24.58 32.99
C ASN A 45 -41.32 -23.81 32.32
N THR A 46 -41.43 -22.53 32.61
CA THR A 46 -42.49 -21.74 32.08
C THR A 46 -42.36 -21.61 30.57
N LEU A 47 -41.13 -21.50 30.10
CA LEU A 47 -40.89 -21.36 28.69
C LEU A 47 -41.27 -22.62 27.90
N ILE A 48 -40.98 -23.78 28.43
CA ILE A 48 -41.30 -25.01 27.79
C ILE A 48 -42.81 -25.20 27.70
N LYS A 49 -43.52 -24.87 28.78
CA LYS A 49 -44.97 -24.89 28.85
C LYS A 49 -45.59 -23.96 27.80
N LEU A 50 -45.06 -22.75 27.63
CA LEU A 50 -45.55 -21.84 26.61
C LEU A 50 -45.30 -22.35 25.18
N SER A 51 -44.09 -22.89 24.97
CA SER A 51 -43.72 -23.47 23.70
C SER A 51 -44.59 -24.65 23.21
N ALA A 52 -45.33 -25.30 24.11
CA ALA A 52 -46.15 -26.41 23.75
C ALA A 52 -47.63 -25.98 23.60
N ASP A 53 -47.87 -24.67 23.64
CA ASP A 53 -49.21 -24.17 23.70
C ASP A 53 -49.43 -23.24 22.50
N PRO A 54 -50.17 -23.71 21.48
CA PRO A 54 -50.41 -22.88 20.30
C PRO A 54 -50.97 -21.52 20.67
N SER A 55 -51.74 -21.46 21.72
CA SER A 55 -52.36 -20.21 22.06
C SER A 55 -51.33 -19.17 22.61
N ALA A 56 -50.31 -19.60 23.32
CA ALA A 56 -49.24 -18.69 23.72
C ALA A 56 -48.31 -18.40 22.54
N ILE A 57 -48.10 -19.36 21.65
CA ILE A 57 -47.24 -19.10 20.51
C ILE A 57 -47.87 -18.03 19.65
N ASN A 58 -49.16 -18.18 19.37
CA ASN A 58 -49.93 -17.19 18.56
C ASN A 58 -49.97 -15.79 19.22
N ALA A 59 -50.03 -15.74 20.55
CA ALA A 59 -49.99 -14.48 21.26
C ALA A 59 -48.60 -13.82 21.03
N ALA A 60 -47.55 -14.63 21.03
CA ALA A 60 -46.21 -14.10 20.79
C ALA A 60 -46.03 -13.67 19.36
N ARG A 61 -46.57 -14.44 18.42
CA ARG A 61 -46.57 -14.00 17.02
C ARG A 61 -47.32 -12.71 16.81
N GLU A 62 -48.46 -12.55 17.44
CA GLU A 62 -49.19 -11.29 17.34
C GLU A 62 -48.36 -10.12 17.89
N ASN A 63 -47.73 -10.32 19.04
CA ASN A 63 -46.82 -9.30 19.59
C ASN A 63 -45.74 -8.86 18.61
N LEU A 64 -45.14 -9.82 17.91
CA LEU A 64 -44.11 -9.53 16.93
C LEU A 64 -44.67 -8.68 15.82
N GLY A 65 -45.91 -8.92 15.44
CA GLY A 65 -46.55 -8.09 14.44
C GLY A 65 -46.72 -6.66 14.93
N ALA A 66 -47.18 -6.48 16.17
CA ALA A 66 -47.35 -5.13 16.73
C ALA A 66 -45.98 -4.44 17.03
N SER A 67 -44.98 -5.19 17.44
CA SER A 67 -43.69 -4.57 17.65
C SER A 67 -43.05 -4.21 16.31
N ALA A 68 -43.39 -4.95 15.25
CA ALA A 68 -42.81 -4.65 13.94
C ALA A 68 -43.35 -3.31 13.44
N LYS A 69 -44.66 -3.15 13.46
CA LYS A 69 -45.29 -1.86 13.16
C LYS A 69 -44.71 -0.69 13.99
N ASN A 70 -44.53 -0.85 15.29
CA ASN A 70 -43.83 0.18 16.07
C ASN A 70 -42.44 0.52 15.51
N LEU A 71 -41.65 -0.49 15.17
CA LEU A 71 -40.32 -0.25 14.60
C LEU A 71 -40.31 0.32 13.17
N ILE A 72 -41.08 -0.24 12.24
CA ILE A 72 -40.91 0.12 10.84
C ILE A 72 -42.03 0.89 10.25
N GLY A 73 -43.11 1.03 11.00
CA GLY A 73 -44.27 1.78 10.56
C GLY A 73 -44.52 3.09 11.26
N ASP A 74 -43.93 3.31 12.41
CA ASP A 74 -44.14 4.55 13.13
C ASP A 74 -42.93 5.49 13.00
N THR A 75 -43.10 6.74 13.33
CA THR A 75 -42.03 7.70 13.28
C THR A 75 -41.62 8.14 14.70
N LYS A 76 -42.31 9.08 15.30
CA LYS A 76 -41.97 9.52 16.67
C LYS A 76 -41.53 8.38 17.58
N ASN A 77 -42.34 7.34 17.66
CA ASN A 77 -42.18 6.30 18.67
C ASN A 77 -41.26 5.17 18.30
N SER A 78 -40.64 5.19 17.13
CA SER A 78 -39.76 4.11 16.71
C SER A 78 -38.31 4.43 17.05
N PRO A 79 -37.65 3.57 17.81
CA PRO A 79 -36.24 3.80 18.08
C PRO A 79 -35.41 3.68 16.81
N ALA A 80 -35.89 2.87 15.89
CA ALA A 80 -35.18 2.67 14.64
C ALA A 80 -35.31 3.96 13.81
N TYR A 81 -36.47 4.52 13.75
CA TYR A 81 -36.61 5.79 13.04
C TYR A 81 -35.72 6.86 13.70
N GLN A 82 -35.78 7.00 15.01
CA GLN A 82 -34.99 8.05 15.67
C GLN A 82 -33.49 7.86 15.44
N ALA A 83 -33.02 6.63 15.40
CA ALA A 83 -31.59 6.40 15.16
C ALA A 83 -31.15 6.71 13.75
N VAL A 84 -32.00 6.38 12.75
CA VAL A 84 -31.71 6.70 11.34
C VAL A 84 -31.66 8.22 11.15
N LEU A 85 -32.60 8.90 11.75
CA LEU A 85 -32.66 10.36 11.73
C LEU A 85 -31.42 10.94 12.42
N LEU A 86 -30.96 10.31 13.49
CA LEU A 86 -29.77 10.84 14.20
C LEU A 86 -28.51 10.70 13.35
N ALA A 87 -28.37 9.57 12.64
CA ALA A 87 -27.19 9.35 11.79
C ALA A 87 -27.11 10.37 10.69
N ILE A 88 -28.24 10.68 10.09
CA ILE A 88 -28.30 11.66 9.02
C ILE A 88 -28.07 13.08 9.52
N ASN A 89 -28.77 13.46 10.55
CA ASN A 89 -28.54 14.74 11.22
C ASN A 89 -27.10 14.97 11.66
N ALA A 90 -26.42 13.94 12.08
CA ALA A 90 -25.05 14.14 12.53
C ALA A 90 -24.19 14.49 11.34
N ALA A 91 -24.38 13.79 10.21
CA ALA A 91 -23.58 14.09 8.99
C ALA A 91 -23.84 15.46 8.50
N VAL A 92 -25.11 15.81 8.42
CA VAL A 92 -25.49 17.14 7.99
C VAL A 92 -24.99 18.19 8.94
N GLY A 93 -25.15 17.94 10.23
CA GLY A 93 -24.68 18.89 11.22
C GLY A 93 -23.19 19.13 11.11
N PHE A 94 -22.44 18.07 10.83
CA PHE A 94 -20.98 18.16 10.74
C PHE A 94 -20.61 19.22 9.70
N TRP A 95 -21.30 19.21 8.57
CA TRP A 95 -20.96 20.16 7.53
C TRP A 95 -21.44 21.55 7.91
N ASN A 96 -22.56 21.65 8.61
CA ASN A 96 -23.05 22.98 8.97
C ASN A 96 -22.06 23.66 9.88
N VAL A 97 -21.37 22.88 10.70
CA VAL A 97 -20.37 23.39 11.56
C VAL A 97 -19.13 23.90 10.84
N LEU A 98 -18.61 23.11 9.90
CA LEU A 98 -17.29 23.35 9.33
C LEU A 98 -17.26 23.83 7.90
N GLY A 99 -18.38 23.79 7.21
CA GLY A 99 -18.39 24.15 5.78
C GLY A 99 -17.88 25.53 5.47
N TYR A 100 -18.28 26.50 6.32
CA TYR A 100 -17.89 27.87 6.09
C TYR A 100 -16.37 28.09 6.11
N ALA A 101 -15.65 27.22 6.81
CA ALA A 101 -14.22 27.40 7.03
C ALA A 101 -13.41 26.66 5.98
N THR A 102 -14.08 25.93 5.10
CA THR A 102 -13.42 24.98 4.26
C THR A 102 -13.00 25.68 2.98
N GLN A 103 -11.73 25.56 2.60
CA GLN A 103 -11.25 26.12 1.34
C GLN A 103 -11.73 25.31 0.11
N CYS A 104 -12.06 25.98 -0.97
CA CYS A 104 -12.36 25.27 -2.22
C CYS A 104 -12.11 26.23 -3.35
N GLY A 105 -11.78 25.68 -4.52
CA GLY A 105 -11.53 26.47 -5.66
C GLY A 105 -10.98 25.69 -6.81
N GLY A 106 -10.43 26.39 -7.78
CA GLY A 106 -9.94 25.77 -9.01
C GLY A 106 -10.99 25.61 -10.13
N ASN A 107 -10.60 24.80 -11.11
CA ASN A 107 -11.29 24.58 -12.34
C ASN A 107 -11.69 23.13 -12.42
N ALA A 108 -12.28 22.76 -13.54
CA ALA A 108 -13.17 21.63 -13.65
C ALA A 108 -12.52 20.27 -13.60
N ASN A 109 -11.25 20.24 -13.82
CA ASN A 109 -10.59 18.93 -13.84
C ASN A 109 -9.80 18.70 -12.54
N GLY A 110 -10.20 19.35 -11.45
CA GLY A 110 -9.41 19.34 -10.22
C GLY A 110 -8.09 20.13 -10.26
N GLN A 111 -7.99 21.07 -11.17
CA GLN A 111 -6.74 21.78 -11.40
C GLN A 111 -6.81 23.15 -10.80
N GLU A 112 -5.65 23.75 -10.61
CA GLU A 112 -5.60 25.11 -10.11
C GLU A 112 -6.19 26.06 -11.13
N SER A 113 -6.71 27.17 -10.62
CA SER A 113 -7.24 28.24 -11.40
C SER A 113 -6.52 29.55 -11.11
N THR A 114 -6.62 30.48 -12.05
CA THR A 114 -6.06 31.81 -11.92
C THR A 114 -7.01 32.81 -11.28
N SER A 115 -8.28 32.84 -11.68
CA SER A 115 -9.25 33.84 -11.16
C SER A 115 -10.67 33.32 -11.29
N SER A 116 -10.93 32.21 -10.63
CA SER A 116 -12.20 31.54 -10.71
C SER A 116 -12.90 31.70 -9.38
N THR A 117 -14.10 32.30 -9.41
CA THR A 117 -15.02 32.34 -8.28
C THR A 117 -16.26 31.50 -8.68
N THR A 118 -16.50 30.43 -7.93
CA THR A 118 -17.62 29.55 -8.12
C THR A 118 -18.41 29.49 -6.83
N ILE A 119 -19.68 29.87 -6.84
CA ILE A 119 -20.48 30.00 -5.60
C ILE A 119 -21.66 29.03 -5.55
N PHE A 120 -21.81 28.31 -4.45
CA PHE A 120 -22.84 27.34 -4.33
C PHE A 120 -23.89 27.90 -3.41
N ASN A 121 -25.14 28.02 -3.90
CA ASN A 121 -26.24 28.55 -3.12
C ASN A 121 -26.85 27.55 -2.16
N ASN A 122 -27.61 28.07 -1.19
CA ASN A 122 -28.23 27.31 -0.11
C ASN A 122 -27.23 26.41 0.58
N GLU A 123 -26.16 27.04 1.05
CA GLU A 123 -25.07 26.34 1.74
C GLU A 123 -24.62 27.21 2.92
N PRO A 124 -24.15 26.60 4.01
CA PRO A 124 -23.91 27.37 5.20
C PRO A 124 -22.54 28.05 5.24
N GLY A 125 -22.46 29.15 4.52
CA GLY A 125 -21.28 30.00 4.49
C GLY A 125 -21.20 31.02 5.60
N TYR A 126 -20.08 31.72 5.62
CA TYR A 126 -19.80 32.72 6.63
C TYR A 126 -20.72 33.92 6.47
N ARG A 127 -21.63 34.09 7.40
CA ARG A 127 -22.61 35.16 7.38
C ARG A 127 -23.39 35.18 6.05
N SER A 128 -23.76 34.03 5.53
CA SER A 128 -24.22 33.94 4.12
C SER A 128 -24.96 32.62 3.92
N THR A 129 -25.92 32.60 2.98
CA THR A 129 -26.55 31.34 2.59
C THR A 129 -25.87 30.76 1.34
N SER A 130 -24.66 31.21 1.01
CA SER A 130 -23.82 30.57 0.02
C SER A 130 -22.42 30.33 0.54
N ILE A 131 -21.75 29.34 -0.05
CA ILE A 131 -20.33 29.10 0.13
C ILE A 131 -19.61 29.46 -1.16
N THR A 132 -18.51 30.16 -1.02
CA THR A 132 -17.78 30.73 -2.14
C THR A 132 -16.48 29.99 -2.26
N CYS A 133 -16.26 29.40 -3.40
CA CYS A 133 -15.03 28.72 -3.72
C CYS A 133 -14.17 29.61 -4.61
N SER A 134 -13.21 30.34 -4.02
CA SER A 134 -12.40 31.25 -4.81
C SER A 134 -10.93 31.22 -4.49
N LEU A 135 -10.45 30.12 -3.95
CA LEU A 135 -9.03 29.98 -3.77
C LEU A 135 -8.31 29.58 -5.07
N ASN A 136 -7.53 30.54 -5.56
CA ASN A 136 -6.75 30.35 -6.73
C ASN A 136 -5.30 29.92 -6.50
N ARG A 137 -4.67 29.46 -7.58
CA ARG A 137 -3.27 29.14 -7.64
C ARG A 137 -2.87 27.87 -6.91
N TYR A 138 -3.46 27.61 -5.74
CA TYR A 138 -3.18 26.40 -5.04
C TYR A 138 -3.83 25.20 -5.75
N LYS A 139 -3.12 24.08 -5.80
CA LYS A 139 -3.67 22.89 -6.36
C LYS A 139 -4.68 22.26 -5.39
N PRO A 140 -5.92 21.99 -5.86
CA PRO A 140 -6.92 21.27 -5.12
C PRO A 140 -6.47 19.94 -4.69
N GLY A 141 -6.90 19.48 -3.52
CA GLY A 141 -6.42 18.21 -2.98
C GLY A 141 -6.12 18.27 -1.47
N TYR A 142 -5.31 17.35 -1.03
CA TYR A 142 -5.27 17.04 0.37
C TYR A 142 -4.56 18.18 1.12
N TYR A 143 -5.17 18.70 2.18
CA TYR A 143 -4.65 19.87 2.89
C TYR A 143 -4.53 21.07 1.95
N GLY A 144 -5.47 21.14 1.05
CA GLY A 144 -5.56 22.24 0.13
C GLY A 144 -7.02 22.43 -0.19
N PRO A 145 -7.34 23.22 -1.19
CA PRO A 145 -8.76 23.45 -1.49
C PRO A 145 -9.46 22.21 -1.98
N MET A 146 -10.69 22.01 -1.58
CA MET A 146 -11.53 20.99 -2.19
C MET A 146 -11.74 21.36 -3.66
N SER A 147 -11.57 20.38 -4.55
CA SER A 147 -11.92 20.60 -5.98
C SER A 147 -13.38 20.84 -6.11
N ILE A 148 -13.71 21.60 -7.12
CA ILE A 148 -15.08 21.88 -7.45
C ILE A 148 -15.85 20.60 -7.75
N GLU A 149 -15.21 19.65 -8.42
CA GLU A 149 -15.82 18.34 -8.64
C GLU A 149 -16.23 17.69 -7.33
N ASN A 150 -15.35 17.74 -6.32
CA ASN A 150 -15.73 17.21 -5.01
C ASN A 150 -16.78 18.06 -4.33
N PHE A 151 -16.72 19.37 -4.47
CA PHE A 151 -17.79 20.18 -3.88
C PHE A 151 -19.15 19.89 -4.53
N LYS A 152 -19.16 19.64 -5.83
CA LYS A 152 -20.40 19.31 -6.51
C LYS A 152 -20.99 18.04 -5.95
N LYS A 153 -20.19 17.00 -5.65
CA LYS A 153 -20.71 15.75 -5.08
C LYS A 153 -21.24 16.04 -3.70
N LEU A 154 -20.49 16.77 -2.91
CA LEU A 154 -20.91 17.08 -1.56
C LEU A 154 -22.19 17.90 -1.56
N ASN A 155 -22.22 18.94 -2.38
CA ASN A 155 -23.35 19.84 -2.40
C ASN A 155 -24.64 19.12 -2.84
N GLU A 156 -24.55 18.27 -3.83
CA GLU A 156 -25.73 17.59 -4.32
C GLU A 156 -26.26 16.74 -3.18
N ALA A 157 -25.36 16.04 -2.50
CA ALA A 157 -25.84 15.22 -1.40
C ALA A 157 -26.43 16.06 -0.26
N TYR A 158 -25.82 17.20 0.01
CA TYR A 158 -26.34 18.09 1.07
C TYR A 158 -27.70 18.65 0.68
N GLN A 159 -27.87 19.05 -0.55
CA GLN A 159 -29.18 19.56 -0.93
C GLN A 159 -30.30 18.51 -0.82
N ILE A 160 -30.00 17.30 -1.20
CA ILE A 160 -31.02 16.21 -1.10
C ILE A 160 -31.35 15.90 0.35
N LEU A 161 -30.33 15.77 1.19
CA LEU A 161 -30.59 15.59 2.62
C LEU A 161 -31.39 16.70 3.26
N GLN A 162 -31.06 17.95 2.94
CA GLN A 162 -31.74 19.05 3.61
C GLN A 162 -33.16 19.17 3.11
N THR A 163 -33.41 18.88 1.83
CA THR A 163 -34.74 18.97 1.32
C THR A 163 -35.56 17.88 2.02
N ALA A 164 -35.00 16.67 2.13
CA ALA A 164 -35.70 15.56 2.76
C ALA A 164 -35.94 15.79 4.22
N LEU A 165 -34.98 16.31 4.95
CA LEU A 165 -35.20 16.59 6.37
C LEU A 165 -36.30 17.60 6.54
N ASN A 166 -36.39 18.56 5.63
CA ASN A 166 -37.41 19.58 5.70
C ASN A 166 -38.79 19.02 5.45
N LYS A 167 -38.90 18.02 4.60
CA LYS A 167 -40.21 17.44 4.32
C LYS A 167 -40.56 16.43 5.40
N GLY A 168 -39.58 15.79 6.03
CA GLY A 168 -39.87 14.76 7.02
C GLY A 168 -39.50 13.39 6.46
N LEU A 169 -38.69 12.64 7.15
CA LEU A 169 -38.39 11.28 6.74
C LEU A 169 -39.58 10.38 6.94
N PRO A 170 -39.76 9.45 6.03
CA PRO A 170 -40.87 8.53 6.18
C PRO A 170 -40.44 7.39 7.09
N ALA A 171 -41.40 6.57 7.48
CA ALA A 171 -41.15 5.42 8.27
C ALA A 171 -40.32 4.44 7.46
N LEU A 172 -39.56 3.62 8.15
CA LEU A 172 -38.58 2.75 7.51
C LEU A 172 -39.16 1.84 6.44
N LYS A 173 -40.37 1.38 6.65
CA LYS A 173 -40.95 0.46 5.71
C LYS A 173 -41.31 1.10 4.35
N GLU A 174 -41.34 2.44 4.30
CA GLU A 174 -41.68 3.18 3.08
C GLU A 174 -40.51 3.34 2.12
N ASN A 175 -40.53 2.59 1.03
CA ASN A 175 -39.48 2.61 0.04
C ASN A 175 -39.80 3.32 -1.26
N ASN A 176 -41.02 3.83 -1.48
CA ASN A 176 -41.28 4.50 -2.76
C ASN A 176 -41.59 5.95 -2.70
N GLY A 177 -41.30 6.58 -1.60
CA GLY A 177 -41.42 8.01 -1.53
C GLY A 177 -40.29 8.62 -2.30
N THR A 178 -40.55 9.81 -2.83
CA THR A 178 -39.58 10.59 -3.55
C THR A 178 -39.67 12.05 -3.12
N VAL A 179 -38.62 12.80 -3.43
CA VAL A 179 -38.60 14.22 -3.21
C VAL A 179 -38.14 14.94 -4.49
N SER A 180 -38.51 16.20 -4.64
CA SER A 180 -37.96 17.07 -5.71
C SER A 180 -36.86 18.05 -5.13
N VAL A 181 -35.70 18.16 -5.75
CA VAL A 181 -34.67 19.04 -5.24
C VAL A 181 -34.19 19.97 -6.32
N THR A 182 -34.08 21.25 -5.99
CA THR A 182 -33.54 22.25 -6.88
C THR A 182 -32.41 23.01 -6.23
N TYR A 183 -31.31 23.22 -6.94
CA TYR A 183 -30.19 23.98 -6.39
C TYR A 183 -29.49 24.71 -7.49
N THR A 184 -28.79 25.77 -7.13
CA THR A 184 -28.10 26.61 -8.08
C THR A 184 -26.64 26.85 -7.70
N TYR A 185 -25.82 27.16 -8.71
CA TYR A 185 -24.48 27.66 -8.49
C TYR A 185 -24.07 28.63 -9.60
N THR A 186 -23.10 29.48 -9.32
CA THR A 186 -22.65 30.47 -10.29
C THR A 186 -21.14 30.45 -10.45
N CYS A 187 -20.70 30.78 -11.67
CA CYS A 187 -19.29 30.88 -12.03
C CYS A 187 -19.02 32.27 -12.54
N SER A 188 -17.99 32.90 -12.01
CA SER A 188 -17.50 34.12 -12.54
C SER A 188 -15.98 34.16 -12.50
N GLY A 189 -15.43 35.13 -13.20
CA GLY A 189 -14.02 35.33 -13.30
C GLY A 189 -13.46 34.80 -14.61
N GLU A 190 -12.40 35.47 -15.06
CA GLU A 190 -11.73 35.11 -16.30
C GLU A 190 -11.24 33.70 -16.19
N GLY A 191 -11.59 32.88 -17.17
CA GLY A 191 -11.01 31.53 -17.29
C GLY A 191 -11.75 30.47 -16.51
N ASN A 192 -12.83 30.83 -15.83
CA ASN A 192 -13.57 29.85 -15.02
C ASN A 192 -14.30 28.86 -15.89
N ASP A 193 -13.95 27.59 -15.81
CA ASP A 193 -14.54 26.61 -16.71
C ASP A 193 -15.60 25.67 -16.07
N ASN A 194 -15.97 25.91 -14.81
CA ASN A 194 -16.92 25.03 -14.11
C ASN A 194 -18.39 25.14 -14.52
N CYS A 195 -18.71 26.04 -15.45
CA CYS A 195 -20.09 26.33 -15.87
C CYS A 195 -20.23 26.18 -17.38
N LEU A 196 -19.29 25.45 -17.95
CA LEU A 196 -19.10 25.39 -19.37
C LEU A 196 -19.89 24.16 -19.89
N PRO A 197 -20.56 24.32 -21.04
CA PRO A 197 -21.29 23.25 -21.68
C PRO A 197 -20.56 21.92 -21.64
N LYS A 198 -19.29 21.94 -22.02
CA LYS A 198 -18.40 20.76 -21.94
C LYS A 198 -18.45 20.01 -20.58
N VAL A 199 -18.65 20.74 -19.49
CA VAL A 199 -18.64 20.17 -18.14
C VAL A 199 -20.02 19.89 -17.60
N THR A 200 -20.92 20.77 -17.96
CA THR A 200 -22.28 20.83 -17.48
C THR A 200 -23.23 19.89 -18.27
N GLY A 201 -22.88 19.53 -19.51
CA GLY A 201 -23.72 18.67 -20.36
C GLY A 201 -24.52 19.49 -21.33
N VAL A 202 -24.88 20.70 -20.92
CA VAL A 202 -25.73 21.62 -21.66
C VAL A 202 -25.21 21.92 -23.06
N ASP A 203 -26.11 22.39 -23.94
CA ASP A 203 -25.75 22.84 -25.31
C ASP A 203 -25.20 24.27 -25.34
N ASN A 204 -25.98 25.22 -24.81
CA ASN A 204 -25.59 26.63 -24.79
C ASN A 204 -25.54 27.21 -23.42
N GLN A 205 -24.40 27.82 -23.07
CA GLN A 205 -24.31 28.50 -21.79
C GLN A 205 -25.46 29.38 -21.49
N ASN A 206 -25.96 30.08 -22.49
CA ASN A 206 -27.05 31.00 -22.25
C ASN A 206 -28.31 30.49 -22.88
N GLY A 207 -29.17 29.88 -22.06
CA GLY A 207 -30.45 29.36 -22.48
C GLY A 207 -30.54 27.85 -22.58
N GLY A 208 -29.40 27.15 -22.66
CA GLY A 208 -29.42 25.69 -22.88
C GLY A 208 -29.90 24.86 -21.69
N THR A 209 -30.20 23.60 -21.96
CA THR A 209 -30.63 22.68 -20.94
C THR A 209 -30.14 21.31 -21.39
N LYS A 210 -30.28 20.34 -20.49
CA LYS A 210 -29.87 18.95 -20.67
C LYS A 210 -30.66 18.11 -19.67
N THR A 211 -31.16 16.98 -20.12
CA THR A 211 -31.86 16.08 -19.24
C THR A 211 -31.13 14.75 -19.22
N LYS A 212 -30.93 14.22 -18.04
CA LYS A 212 -30.28 12.94 -17.89
C LYS A 212 -30.90 12.21 -16.73
N THR A 213 -30.77 10.90 -16.73
CA THR A 213 -31.44 10.03 -15.79
C THR A 213 -30.41 9.12 -15.23
N GLN A 214 -30.72 8.51 -14.10
CA GLN A 214 -29.85 7.44 -13.56
C GLN A 214 -30.65 6.59 -12.57
N THR A 215 -29.98 5.57 -12.05
CA THR A 215 -30.55 4.66 -11.04
C THR A 215 -29.76 4.67 -9.72
N GLY A 218 -32.87 0.95 -7.36
CA GLY A 218 -33.73 0.38 -8.41
C GLY A 218 -34.76 1.33 -9.04
N LYS A 219 -34.57 2.65 -8.85
CA LYS A 219 -35.56 3.71 -9.22
C LYS A 219 -34.97 4.87 -10.05
N THR A 220 -35.70 5.29 -11.10
CA THR A 220 -35.26 6.37 -12.01
C THR A 220 -35.38 7.81 -11.44
N VAL A 221 -34.23 8.46 -11.40
CA VAL A 221 -34.09 9.84 -11.01
C VAL A 221 -33.75 10.69 -12.21
N THR A 222 -34.52 11.75 -12.46
CA THR A 222 -34.36 12.57 -13.64
C THR A 222 -33.81 13.92 -13.28
N THR A 223 -32.73 14.31 -13.92
CA THR A 223 -32.06 15.55 -13.61
C THR A 223 -32.16 16.50 -14.80
N THR A 224 -32.57 17.73 -14.52
CA THR A 224 -32.69 18.74 -15.53
C THR A 224 -31.75 19.90 -15.21
N ILE A 225 -30.76 20.08 -16.09
CA ILE A 225 -29.75 21.09 -15.92
C ILE A 225 -30.02 22.19 -16.90
N SER A 226 -29.98 23.41 -16.43
CA SER A 226 -30.23 24.54 -17.31
C SER A 226 -29.26 25.67 -16.94
N SER A 227 -28.94 26.51 -17.91
CA SER A 227 -27.76 27.35 -17.88
C SER A 227 -28.19 28.70 -18.40
N LYS A 228 -27.62 29.75 -17.82
CA LYS A 228 -28.05 31.11 -18.09
C LYS A 228 -26.80 32.01 -17.98
N VAL A 229 -26.67 33.03 -18.81
CA VAL A 229 -25.58 34.01 -18.63
C VAL A 229 -26.12 35.37 -18.27
N VAL A 230 -25.51 36.01 -17.28
CA VAL A 230 -25.89 37.33 -16.85
C VAL A 230 -24.67 38.21 -17.04
N ASP A 231 -24.78 39.14 -17.97
CA ASP A 231 -23.77 40.15 -18.24
C ASP A 231 -23.62 41.12 -17.05
N SER A 232 -22.38 41.61 -16.85
CA SER A 232 -22.06 42.63 -15.84
C SER A 232 -22.95 43.87 -15.95
N GLN A 233 -23.17 44.31 -17.20
CA GLN A 233 -23.97 45.52 -17.48
C GLN A 233 -25.44 45.23 -17.76
N ALA A 234 -26.12 44.62 -16.81
CA ALA A 234 -27.47 44.18 -17.06
C ALA A 234 -28.30 44.55 -15.84
N LYS A 235 -29.44 45.19 -16.09
CA LYS A 235 -30.34 45.68 -15.04
C LYS A 235 -30.60 44.53 -14.07
N GLY A 236 -30.55 44.80 -12.77
CA GLY A 236 -30.73 43.78 -11.72
C GLY A 236 -29.45 43.12 -11.22
N ASN A 237 -28.31 43.41 -11.86
CA ASN A 237 -27.03 42.79 -11.49
C ASN A 237 -26.30 43.67 -10.48
N THR A 238 -26.78 43.63 -9.23
CA THR A 238 -26.08 44.19 -8.05
C THR A 238 -24.56 44.09 -8.13
N THR A 239 -24.10 42.88 -8.39
CA THR A 239 -22.67 42.53 -8.31
C THR A 239 -21.95 43.15 -9.50
N ARG A 240 -20.63 43.13 -9.50
CA ARG A 240 -19.89 43.90 -10.52
C ARG A 240 -19.81 43.21 -11.87
N VAL A 241 -20.15 41.93 -11.91
CA VAL A 241 -19.45 41.04 -12.81
C VAL A 241 -20.36 40.08 -13.58
N SER A 242 -19.84 39.62 -14.72
CA SER A 242 -20.52 38.66 -15.56
C SER A 242 -20.44 37.25 -14.97
N TYR A 243 -21.57 36.54 -14.99
CA TYR A 243 -21.60 35.22 -14.45
C TYR A 243 -22.56 34.29 -15.16
N THR A 244 -22.32 32.99 -14.96
CA THR A 244 -23.15 31.95 -15.51
C THR A 244 -23.86 31.31 -14.33
N GLU A 245 -25.15 31.03 -14.46
CA GLU A 245 -25.90 30.38 -13.43
C GLU A 245 -26.40 29.05 -13.90
N ILE A 246 -26.14 28.02 -13.11
CA ILE A 246 -26.56 26.69 -13.41
C ILE A 246 -27.61 26.28 -12.44
N THR A 247 -28.72 25.75 -12.93
CA THR A 247 -29.82 25.26 -12.10
C THR A 247 -29.88 23.76 -12.34
N ASN A 248 -30.00 23.00 -11.27
CA ASN A 248 -30.24 21.56 -11.36
C ASN A 248 -31.58 21.25 -10.69
N LYS A 249 -32.48 20.60 -11.41
CA LYS A 249 -33.76 20.19 -10.88
C LYS A 249 -33.85 18.66 -10.93
N LEU A 250 -33.87 18.02 -9.77
CA LEU A 250 -33.92 16.56 -9.68
C LEU A 250 -35.30 16.14 -9.26
N ASP A 251 -35.87 15.17 -9.97
CA ASP A 251 -37.25 14.69 -9.80
C ASP A 251 -37.22 13.23 -9.51
N GLY A 252 -37.95 12.79 -8.49
CA GLY A 252 -37.99 11.37 -8.21
C GLY A 252 -36.80 10.88 -7.40
N VAL A 253 -36.20 11.77 -6.65
CA VAL A 253 -35.10 11.38 -5.79
C VAL A 253 -35.67 10.58 -4.65
N PRO A 254 -35.16 9.38 -4.43
CA PRO A 254 -35.83 8.62 -3.40
C PRO A 254 -35.49 9.10 -2.04
N ASP A 255 -36.48 9.10 -1.17
CA ASP A 255 -36.31 9.57 0.19
C ASP A 255 -36.45 8.43 1.25
N SER A 256 -36.20 7.19 0.87
CA SER A 256 -36.18 6.14 1.85
C SER A 256 -34.91 6.24 2.70
N ALA A 257 -34.97 5.63 3.87
CA ALA A 257 -33.87 5.54 4.76
C ALA A 257 -32.61 5.04 4.10
N GLN A 258 -32.67 3.93 3.37
CA GLN A 258 -31.46 3.45 2.67
C GLN A 258 -30.94 4.50 1.71
N ALA A 259 -31.79 5.11 0.93
CA ALA A 259 -31.32 6.10 -0.04
C ALA A 259 -30.68 7.27 0.68
N LEU A 260 -31.29 7.74 1.76
CA LEU A 260 -30.76 8.91 2.48
C LEU A 260 -29.50 8.62 3.29
N LEU A 261 -29.39 7.43 3.84
CA LEU A 261 -28.18 7.03 4.48
C LEU A 261 -27.05 7.00 3.45
N ALA A 262 -27.34 6.61 2.22
CA ALA A 262 -26.32 6.62 1.14
C ALA A 262 -25.87 8.02 0.79
N GLN A 263 -26.78 8.98 0.81
CA GLN A 263 -26.38 10.37 0.62
C GLN A 263 -25.52 10.89 1.80
N ALA A 264 -25.88 10.53 3.03
CA ALA A 264 -25.12 10.99 4.19
C ALA A 264 -23.69 10.50 4.14
N SER A 265 -23.56 9.25 3.74
CA SER A 265 -22.28 8.61 3.56
C SER A 265 -21.49 9.25 2.44
N THR A 266 -22.12 9.54 1.31
CA THR A 266 -21.49 10.30 0.27
C THR A 266 -20.99 11.66 0.82
N LEU A 267 -21.83 12.33 1.61
CA LEU A 267 -21.43 13.64 2.22
C LEU A 267 -20.21 13.52 3.11
N ILE A 268 -20.23 12.59 4.04
CA ILE A 268 -19.16 12.50 4.99
C ILE A 268 -17.89 11.93 4.39
N ASN A 269 -18.02 10.97 3.49
CA ASN A 269 -16.87 10.35 2.81
C ASN A 269 -16.20 11.23 1.78
N THR A 270 -16.95 12.11 1.16
CA THR A 270 -16.34 13.08 0.26
C THR A 270 -15.46 14.09 1.03
N ILE A 271 -15.94 14.50 2.20
CA ILE A 271 -15.20 15.42 3.08
C ILE A 271 -13.91 14.79 3.60
N ASN A 272 -14.03 13.53 4.03
CA ASN A 272 -12.90 12.79 4.61
C ASN A 272 -11.86 12.40 3.59
N THR A 273 -12.27 11.99 2.41
CA THR A 273 -11.35 11.59 1.33
C THR A 273 -10.70 12.80 0.71
N ALA A 274 -11.45 13.88 0.54
CA ALA A 274 -10.86 15.03 -0.08
C ALA A 274 -9.95 15.75 0.91
N CYS A 275 -10.35 15.70 2.17
CA CYS A 275 -9.57 16.22 3.27
C CYS A 275 -9.01 17.61 3.04
N PRO A 276 -9.86 18.61 2.82
CA PRO A 276 -9.36 19.92 2.48
C PRO A 276 -8.90 20.71 3.69
N TYR A 277 -8.14 21.76 3.42
CA TYR A 277 -7.80 22.75 4.37
C TYR A 277 -8.98 23.51 4.89
N PHE A 278 -9.03 23.73 6.19
CA PHE A 278 -10.00 24.64 6.77
C PHE A 278 -9.31 25.64 7.67
N SER A 279 -9.98 26.80 7.82
CA SER A 279 -9.53 27.92 8.65
C SER A 279 -10.75 28.55 9.30
N VAL A 280 -10.86 28.43 10.64
CA VAL A 280 -12.07 28.87 11.37
C VAL A 280 -12.00 30.29 11.89
N THR A 281 -13.18 30.90 12.06
CA THR A 281 -13.33 32.16 12.84
C THR A 281 -13.98 31.87 14.20
N ASN A 282 -13.22 32.09 15.28
CA ASN A 282 -13.74 31.98 16.64
C ASN A 282 -14.20 33.36 17.15
N LYS A 283 -15.51 33.49 17.39
CA LYS A 283 -16.06 34.62 18.14
C LYS A 283 -15.40 34.65 19.52
N SER A 284 -15.23 35.84 20.10
CA SER A 284 -14.79 35.92 21.51
C SER A 284 -16.05 35.70 22.34
N GLY A 285 -15.88 35.05 23.48
CA GLY A 285 -17.00 34.69 24.37
C GLY A 285 -17.54 33.27 24.28
N GLY A 286 -18.11 32.92 23.12
CA GLY A 286 -18.82 31.65 22.98
C GLY A 286 -17.93 30.42 23.03
N PRO A 287 -18.15 29.46 22.12
CA PRO A 287 -17.43 28.18 22.17
C PRO A 287 -16.17 28.22 21.28
N GLN A 288 -15.10 27.58 21.72
CA GLN A 288 -13.80 27.69 21.03
C GLN A 288 -13.45 26.39 20.30
N MET A 289 -13.13 26.52 19.02
CA MET A 289 -12.70 25.40 18.19
C MET A 289 -11.19 25.28 18.11
N GLU A 290 -10.69 24.17 18.64
CA GLU A 290 -9.30 23.75 18.49
C GLU A 290 -9.38 22.40 17.73
N PRO A 291 -8.49 22.20 16.72
CA PRO A 291 -7.54 23.19 16.21
C PRO A 291 -8.25 24.28 15.37
N THR A 292 -7.59 25.40 15.13
CA THR A 292 -8.20 26.53 14.44
C THR A 292 -7.94 26.56 12.89
N ARG A 293 -7.08 25.66 12.45
CA ARG A 293 -6.52 25.64 11.13
C ARG A 293 -6.16 24.16 10.97
N GLY A 294 -6.31 23.66 9.76
CA GLY A 294 -5.85 22.32 9.48
C GLY A 294 -6.67 21.69 8.41
N LYS A 295 -6.77 20.38 8.47
CA LYS A 295 -7.38 19.62 7.41
C LYS A 295 -8.59 18.88 7.97
N LEU A 296 -9.64 18.73 7.19
CA LEU A 296 -10.89 18.23 7.77
C LEU A 296 -10.77 16.82 8.18
N CYS A 297 -9.91 16.02 7.57
CA CYS A 297 -9.77 14.66 8.03
C CYS A 297 -9.31 14.59 9.48
N GLY A 298 -8.62 15.65 9.90
CA GLY A 298 -8.02 15.73 11.22
C GLY A 298 -9.02 15.60 12.36
N PHE A 299 -10.32 15.78 12.07
CA PHE A 299 -11.34 15.47 13.03
C PHE A 299 -11.60 14.00 13.03
N THR A 300 -10.62 13.19 13.43
CA THR A 300 -10.72 11.75 13.19
C THR A 300 -11.77 11.06 14.06
N GLU A 301 -11.91 11.54 15.30
CA GLU A 301 -12.89 10.93 16.19
C GLU A 301 -14.32 11.19 15.74
N GLU A 302 -14.56 12.43 15.33
CA GLU A 302 -15.84 12.88 14.83
C GLU A 302 -16.23 12.16 13.55
N ILE A 303 -15.32 12.08 12.59
CA ILE A 303 -15.67 11.47 11.32
C ILE A 303 -15.85 9.98 11.52
N SER A 304 -15.00 9.35 12.32
CA SER A 304 -15.21 7.91 12.61
C SER A 304 -16.54 7.62 13.21
N ALA A 305 -16.95 8.48 14.12
CA ALA A 305 -18.20 8.27 14.80
C ALA A 305 -19.35 8.39 13.82
N ILE A 306 -19.38 9.46 13.05
CA ILE A 306 -20.42 9.61 12.05
C ILE A 306 -20.46 8.43 11.10
N GLN A 307 -19.31 7.98 10.60
CA GLN A 307 -19.28 6.82 9.69
C GLN A 307 -19.82 5.59 10.37
N LYS A 308 -19.49 5.41 11.64
CA LYS A 308 -19.99 4.25 12.36
C LYS A 308 -21.51 4.35 12.54
N MET A 309 -22.00 5.55 12.83
CA MET A 309 -23.42 5.73 13.01
C MET A 309 -24.17 5.38 11.75
N ILE A 310 -23.62 5.80 10.63
CA ILE A 310 -24.25 5.57 9.38
C ILE A 310 -24.19 4.09 9.01
N THR A 311 -23.04 3.48 9.23
CA THR A 311 -22.90 2.03 8.99
C THR A 311 -23.88 1.22 9.84
N ASP A 312 -23.97 1.54 11.16
CA ASP A 312 -24.93 0.86 12.05
C ASP A 312 -26.39 1.08 11.60
N ALA A 313 -26.71 2.27 11.15
CA ALA A 313 -28.04 2.59 10.67
C ALA A 313 -28.37 1.89 9.35
N GLN A 314 -27.38 1.69 8.51
CA GLN A 314 -27.58 0.86 7.32
C GLN A 314 -27.88 -0.57 7.70
N GLU A 315 -27.13 -1.13 8.64
N GLU A 315 -27.13 -1.13 8.64
CA GLU A 315 -27.36 -2.52 9.07
CA GLU A 315 -27.39 -2.51 9.05
C GLU A 315 -28.77 -2.61 9.68
C GLU A 315 -28.79 -2.60 9.66
N LEU A 316 -29.14 -1.61 10.45
CA LEU A 316 -30.43 -1.57 11.10
C LEU A 316 -31.56 -1.56 10.08
N VAL A 317 -31.42 -0.76 9.04
CA VAL A 317 -32.48 -0.66 8.06
C VAL A 317 -32.62 -1.97 7.25
N ASN A 318 -31.52 -2.64 6.98
CA ASN A 318 -31.52 -3.93 6.33
C ASN A 318 -32.33 -5.02 7.02
N GLN A 319 -32.52 -4.89 8.32
CA GLN A 319 -33.32 -5.85 9.05
C GLN A 319 -34.78 -5.77 8.65
N THR A 320 -35.18 -4.67 8.03
CA THR A 320 -36.55 -4.51 7.53
C THR A 320 -36.95 -5.57 6.52
N SER A 321 -36.04 -6.01 5.67
CA SER A 321 -36.45 -7.01 4.69
C SER A 321 -36.57 -8.36 5.36
N VAL A 322 -35.77 -8.61 6.39
CA VAL A 322 -35.94 -9.84 7.16
C VAL A 322 -37.32 -9.87 7.85
N ILE A 323 -37.70 -8.79 8.51
CA ILE A 323 -39.00 -8.74 9.13
C ILE A 323 -40.13 -8.91 8.10
N ASN A 324 -40.09 -8.18 6.98
CA ASN A 324 -41.05 -8.33 5.90
C ASN A 324 -41.15 -9.73 5.29
N GLU A 325 -40.01 -10.41 5.16
CA GLU A 325 -39.97 -11.74 4.55
C GLU A 325 -40.61 -12.80 5.46
N HIS A 326 -40.61 -12.57 6.78
CA HIS A 326 -41.06 -13.55 7.74
C HIS A 326 -42.23 -13.02 8.56
N GLU A 327 -43.35 -12.80 7.89
CA GLU A 327 -44.55 -12.29 8.53
C GLU A 327 -45.01 -13.36 9.46
N GLN A 328 -45.68 -12.93 10.51
CA GLN A 328 -46.06 -13.77 11.59
C GLN A 328 -47.54 -13.71 11.77
N SER A 329 -48.28 -13.27 10.77
CA SER A 329 -49.72 -13.05 10.96
C SER A 329 -50.56 -14.35 10.79
N THR A 330 -49.98 -15.40 10.22
CA THR A 330 -50.72 -16.65 10.01
C THR A 330 -50.79 -17.50 11.29
N PRO A 331 -52.01 -17.78 11.82
CA PRO A 331 -52.05 -18.58 13.07
C PRO A 331 -51.48 -19.98 12.86
N VAL A 332 -50.89 -20.53 13.91
CA VAL A 332 -50.28 -21.85 13.88
C VAL A 332 -50.99 -22.72 14.88
N GLY A 333 -50.87 -24.03 14.72
CA GLY A 333 -51.61 -24.97 15.54
C GLY A 333 -51.25 -26.40 15.18
N GLY A 334 -51.99 -27.36 15.70
CA GLY A 334 -51.75 -28.76 15.30
C GLY A 334 -52.14 -28.97 13.85
N ASN A 335 -52.40 -30.21 13.47
CA ASN A 335 -52.97 -30.45 12.14
C ASN A 335 -54.12 -31.49 12.19
N ASN A 336 -54.53 -31.97 11.02
CA ASN A 336 -55.50 -33.07 10.88
C ASN A 336 -56.04 -33.64 12.21
N GLY A 337 -56.62 -32.78 13.05
CA GLY A 337 -57.26 -33.20 14.32
C GLY A 337 -56.40 -33.25 15.58
N LYS A 338 -55.10 -33.48 15.43
CA LYS A 338 -54.26 -33.86 16.60
C LYS A 338 -53.86 -32.64 17.39
N PRO A 339 -53.58 -32.83 18.68
CA PRO A 339 -52.93 -31.76 19.43
C PRO A 339 -51.59 -31.36 18.84
N PHE A 340 -51.23 -30.11 19.08
CA PHE A 340 -49.95 -29.57 18.65
C PHE A 340 -48.83 -30.43 19.18
N ASN A 341 -47.88 -30.76 18.31
CA ASN A 341 -46.70 -31.48 18.63
C ASN A 341 -45.50 -30.60 18.40
N PRO A 342 -44.86 -30.12 19.48
CA PRO A 342 -43.71 -29.19 19.34
C PRO A 342 -42.49 -29.75 18.64
N PHE A 343 -42.40 -31.07 18.50
CA PHE A 343 -41.29 -31.70 17.79
C PHE A 343 -41.50 -31.83 16.27
N THR A 344 -42.74 -31.70 15.76
CA THR A 344 -43.04 -31.97 14.30
C THR A 344 -43.84 -30.88 13.60
N ASP A 345 -44.69 -30.18 14.32
CA ASP A 345 -45.57 -29.18 13.73
C ASP A 345 -45.01 -27.77 13.74
N ALA A 346 -43.71 -27.59 13.95
CA ALA A 346 -43.23 -26.27 14.21
C ALA A 346 -42.26 -25.73 13.20
N SER A 347 -42.51 -25.96 11.93
CA SER A 347 -41.59 -25.51 10.90
C SER A 347 -41.65 -24.01 10.66
N PHE A 348 -42.68 -23.35 11.17
CA PHE A 348 -42.72 -21.88 11.21
C PHE A 348 -41.69 -21.25 12.16
N ALA A 349 -41.08 -22.04 13.04
CA ALA A 349 -40.20 -21.49 14.09
C ALA A 349 -38.99 -20.79 13.56
N GLN A 350 -38.40 -21.28 12.49
CA GLN A 350 -37.20 -20.66 11.93
C GLN A 350 -37.50 -19.27 11.52
N GLY A 351 -38.69 -19.06 10.94
CA GLY A 351 -39.12 -17.77 10.49
C GLY A 351 -39.42 -16.85 11.66
N MET A 352 -40.05 -17.41 12.68
CA MET A 352 -40.39 -16.64 13.85
C MET A 352 -39.10 -16.19 14.58
N LEU A 353 -38.09 -17.07 14.63
CA LEU A 353 -36.80 -16.76 15.24
C LEU A 353 -36.06 -15.71 14.44
N ALA A 354 -36.09 -15.79 13.12
CA ALA A 354 -35.39 -14.78 12.33
C ALA A 354 -36.10 -13.43 12.45
N ASN A 355 -37.42 -13.42 12.52
CA ASN A 355 -38.13 -12.17 12.64
C ASN A 355 -37.80 -11.51 13.98
N ALA A 356 -38.01 -12.25 15.07
CA ALA A 356 -37.71 -11.78 16.42
C ALA A 356 -36.30 -11.27 16.59
N SER A 357 -35.31 -11.98 16.03
CA SER A 357 -33.90 -11.57 16.15
C SER A 357 -33.60 -10.35 15.34
N ALA A 358 -34.27 -10.18 14.20
CA ALA A 358 -34.04 -9.02 13.42
C ALA A 358 -34.57 -7.80 14.18
N GLN A 359 -35.72 -7.93 14.83
CA GLN A 359 -36.29 -6.84 15.59
C GLN A 359 -35.37 -6.47 16.77
N ALA A 360 -34.91 -7.45 17.52
CA ALA A 360 -33.90 -7.21 18.56
C ALA A 360 -32.63 -6.53 18.01
N LYS A 361 -32.18 -6.92 16.84
CA LYS A 361 -31.00 -6.34 16.26
C LYS A 361 -31.30 -4.89 15.89
N MET A 362 -32.47 -4.59 15.35
CA MET A 362 -32.81 -3.21 15.08
C MET A 362 -32.77 -2.39 16.34
N LEU A 363 -33.35 -2.91 17.40
CA LEU A 363 -33.38 -2.16 18.65
C LEU A 363 -31.96 -1.95 19.22
N ASN A 364 -31.10 -2.95 19.14
CA ASN A 364 -29.77 -2.84 19.67
C ASN A 364 -28.89 -1.88 18.87
N LEU A 365 -29.00 -1.91 17.56
CA LEU A 365 -28.25 -1.01 16.69
C LEU A 365 -28.76 0.43 16.89
N ALA A 366 -30.05 0.57 17.10
CA ALA A 366 -30.57 1.92 17.33
C ALA A 366 -29.94 2.51 18.56
N HIS A 367 -29.87 1.71 19.59
CA HIS A 367 -29.26 2.13 20.79
C HIS A 367 -27.81 2.52 20.60
N GLN A 368 -27.12 1.73 19.80
CA GLN A 368 -25.68 1.86 19.61
C GLN A 368 -25.34 3.17 18.84
N VAL A 369 -26.20 3.49 17.88
CA VAL A 369 -26.13 4.74 17.17
C VAL A 369 -26.16 5.89 18.14
N GLY A 370 -27.14 5.91 19.03
CA GLY A 370 -27.22 6.95 20.06
C GLY A 370 -25.98 6.98 20.94
N GLN A 371 -25.42 5.85 21.31
CA GLN A 371 -24.30 5.83 22.24
C GLN A 371 -23.04 6.26 21.55
N THR A 372 -23.01 6.24 20.23
CA THR A 372 -21.79 6.68 19.56
C THR A 372 -21.57 8.20 19.69
N ILE A 373 -22.66 8.96 19.72
CA ILE A 373 -22.61 10.41 19.66
C ILE A 373 -23.06 11.08 20.95
N ASN A 374 -23.65 10.34 21.91
CA ASN A 374 -24.20 10.93 23.07
C ASN A 374 -23.09 11.51 23.97
N PRO A 375 -23.16 12.82 24.27
CA PRO A 375 -22.09 13.47 24.97
C PRO A 375 -21.93 13.08 26.41
N ASP A 376 -22.90 12.38 26.98
CA ASP A 376 -22.75 11.92 28.39
C ASP A 376 -21.54 10.98 28.54
N ASN A 377 -21.18 10.27 27.46
CA ASN A 377 -20.05 9.35 27.48
C ASN A 377 -18.88 9.78 26.65
N LEU A 378 -18.93 10.94 26.01
CA LEU A 378 -17.77 11.38 25.27
C LEU A 378 -16.86 12.09 26.19
N THR A 379 -15.64 12.34 25.70
CA THR A 379 -14.59 13.00 26.49
C THR A 379 -13.69 13.94 25.66
N GLY A 380 -13.02 14.87 26.31
CA GLY A 380 -12.10 15.78 25.65
C GLY A 380 -12.59 16.62 24.45
N THR A 381 -11.78 16.58 23.39
CA THR A 381 -11.97 17.33 22.15
C THR A 381 -13.35 17.06 21.55
N PHE A 382 -13.65 15.78 21.55
CA PHE A 382 -14.79 15.25 20.90
C PHE A 382 -16.06 15.67 21.63
N LYS A 383 -16.14 15.46 22.94
CA LYS A 383 -17.25 16.01 23.74
C LYS A 383 -17.46 17.50 23.45
N ASN A 384 -16.37 18.27 23.42
CA ASN A 384 -16.47 19.70 23.21
C ASN A 384 -17.06 20.01 21.83
N PHE A 385 -16.63 19.27 20.83
CA PHE A 385 -17.17 19.45 19.52
C PHE A 385 -18.71 19.21 19.50
N VAL A 386 -19.17 18.21 20.21
CA VAL A 386 -20.57 17.88 20.19
C VAL A 386 -21.38 18.85 21.04
N THR A 387 -20.95 19.12 22.27
CA THR A 387 -21.75 19.97 23.16
C THR A 387 -21.66 21.41 22.75
N GLY A 388 -20.52 21.82 22.20
CA GLY A 388 -20.31 23.21 21.83
C GLY A 388 -20.80 23.61 20.44
N PHE A 389 -20.79 22.66 19.50
CA PHE A 389 -20.96 22.98 18.07
C PHE A 389 -22.01 22.13 17.39
N LEU A 390 -21.85 20.83 17.39
CA LEU A 390 -22.75 19.94 16.69
C LEU A 390 -24.19 19.93 17.20
N ALA A 391 -24.37 20.02 18.51
CA ALA A 391 -25.69 19.93 19.15
C ALA A 391 -26.12 21.30 19.62
N THR A 392 -26.27 22.18 18.66
CA THR A 392 -26.42 23.59 18.84
C THR A 392 -27.01 24.13 17.54
N CYS A 393 -27.84 25.17 17.60
CA CYS A 393 -28.22 25.89 16.39
C CYS A 393 -28.14 27.36 16.64
N ASN A 394 -27.52 28.10 15.71
CA ASN A 394 -27.46 29.57 15.85
C ASN A 394 -28.53 30.33 15.07
N ASN A 395 -29.37 29.63 14.29
CA ASN A 395 -30.51 30.24 13.55
C ASN A 395 -31.49 30.87 14.51
N LYS A 396 -32.38 31.72 14.02
CA LYS A 396 -33.43 32.34 14.86
C LYS A 396 -34.81 31.63 14.86
N GLY A 406 -36.23 26.70 17.53
CA GLY A 406 -36.46 25.77 16.44
C GLY A 406 -37.01 26.41 15.17
N SER A 407 -36.11 26.80 14.26
CA SER A 407 -36.44 26.99 12.83
C SER A 407 -36.55 25.59 12.21
N PRO A 408 -37.42 25.40 11.20
CA PRO A 408 -37.66 24.01 10.73
C PRO A 408 -36.38 23.26 10.28
N PRO A 409 -36.39 21.93 10.36
CA PRO A 409 -35.24 21.22 9.79
C PRO A 409 -34.99 21.55 8.30
N GLY A 410 -33.75 21.40 7.91
CA GLY A 410 -33.33 21.70 6.55
C GLY A 410 -33.17 23.18 6.17
N THR A 411 -33.20 24.10 7.14
CA THR A 411 -33.10 25.49 6.75
C THR A 411 -31.69 26.07 6.97
N VAL A 412 -31.25 26.76 5.92
CA VAL A 412 -29.96 27.38 5.85
C VAL A 412 -30.18 28.88 5.95
N THR A 413 -29.69 29.47 7.03
CA THR A 413 -29.67 30.91 7.14
C THR A 413 -28.22 31.41 7.16
N THR A 414 -28.09 32.73 7.24
CA THR A 414 -26.83 33.39 7.36
C THR A 414 -26.18 33.10 8.70
N GLN A 415 -26.90 32.51 9.66
CA GLN A 415 -26.32 32.15 10.96
C GLN A 415 -26.24 30.64 11.20
N THR A 416 -26.49 29.84 10.19
CA THR A 416 -26.30 28.39 10.33
C THR A 416 -24.83 28.02 10.65
N PHE A 417 -23.88 28.68 9.99
CA PHE A 417 -22.45 28.33 10.13
C PHE A 417 -21.89 28.21 11.55
N ALA A 418 -20.95 27.27 11.71
CA ALA A 418 -20.35 26.93 13.01
C ALA A 418 -21.34 26.40 14.04
N SER A 419 -22.46 25.87 13.58
CA SER A 419 -23.39 25.21 14.48
C SER A 419 -24.08 24.09 13.72
N GLY A 420 -24.47 23.03 14.40
CA GLY A 420 -25.13 21.93 13.77
C GLY A 420 -26.45 22.23 13.08
N CYS A 421 -27.42 22.83 13.77
CA CYS A 421 -28.71 23.11 13.15
C CYS A 421 -29.30 21.87 12.47
N ALA A 422 -29.16 20.73 13.10
CA ALA A 422 -29.80 19.55 12.60
C ALA A 422 -30.44 18.81 13.74
N TYR A 423 -30.95 19.49 14.76
CA TYR A 423 -31.76 18.85 15.77
C TYR A 423 -31.10 17.65 16.45
N VAL A 424 -29.81 17.75 16.73
CA VAL A 424 -29.12 16.62 17.29
C VAL A 424 -29.43 16.40 18.78
N GLU A 425 -29.56 17.47 19.54
CA GLU A 425 -29.94 17.28 20.92
C GLU A 425 -31.35 16.70 21.01
N GLN A 426 -32.31 17.33 20.32
CA GLN A 426 -33.70 16.86 20.33
C GLN A 426 -33.78 15.40 19.84
N THR A 427 -33.02 15.01 18.84
CA THR A 427 -33.11 13.69 18.33
C THR A 427 -32.53 12.62 19.31
N ILE A 428 -31.51 12.98 20.07
CA ILE A 428 -30.94 12.05 21.09
C ILE A 428 -31.97 11.84 22.18
N THR A 429 -32.52 12.94 22.67
CA THR A 429 -33.62 12.91 23.63
C THR A 429 -34.78 12.04 23.12
N ASN A 430 -35.19 12.20 21.86
CA ASN A 430 -36.37 11.44 21.39
C ASN A 430 -36.06 9.97 21.17
N LEU A 431 -34.83 9.67 20.83
CA LEU A 431 -34.40 8.29 20.72
C LEU A 431 -34.52 7.64 22.12
N ASN A 432 -34.04 8.31 23.16
CA ASN A 432 -34.14 7.76 24.48
C ASN A 432 -35.58 7.62 24.89
N ASN A 433 -36.40 8.64 24.65
CA ASN A 433 -37.80 8.56 25.00
C ASN A 433 -38.43 7.37 24.33
N SER A 434 -38.04 7.04 23.10
CA SER A 434 -38.72 5.95 22.40
C SER A 434 -38.20 4.59 22.84
N ILE A 435 -36.96 4.51 23.27
CA ILE A 435 -36.46 3.29 23.87
C ILE A 435 -37.19 3.02 25.19
N ALA A 436 -37.35 4.05 26.02
CA ALA A 436 -38.06 3.92 27.26
C ALA A 436 -39.49 3.49 27.03
N HIS A 437 -40.08 3.94 25.92
CA HIS A 437 -41.48 3.56 25.62
C HIS A 437 -41.57 2.22 24.88
N PHE A 438 -40.44 1.55 24.71
CA PHE A 438 -40.36 0.26 24.06
C PHE A 438 -40.10 -0.86 25.06
N GLY A 439 -40.26 -0.59 26.34
CA GLY A 439 -39.99 -1.60 27.34
C GLY A 439 -40.79 -2.88 27.22
N THR A 440 -42.10 -2.79 27.10
CA THR A 440 -42.96 -3.95 26.99
C THR A 440 -42.62 -4.68 25.70
N GLN A 441 -42.49 -3.95 24.61
CA GLN A 441 -42.25 -4.61 23.32
C GLN A 441 -40.93 -5.38 23.26
N GLU A 442 -39.90 -4.84 23.88
CA GLU A 442 -38.61 -5.48 23.95
C GLU A 442 -38.70 -6.81 24.70
N GLN A 443 -39.37 -6.82 25.85
CA GLN A 443 -39.57 -8.09 26.55
C GLN A 443 -40.39 -9.08 25.69
N GLN A 444 -41.39 -8.60 24.99
CA GLN A 444 -42.13 -9.50 24.09
C GLN A 444 -41.32 -10.04 22.92
N ILE A 445 -40.39 -9.25 22.40
CA ILE A 445 -39.54 -9.73 21.36
C ILE A 445 -38.64 -10.80 21.91
N GLN A 446 -38.15 -10.62 23.12
CA GLN A 446 -37.31 -11.66 23.72
C GLN A 446 -38.06 -12.94 24.02
N GLN A 447 -39.23 -12.83 24.62
CA GLN A 447 -40.08 -13.99 24.80
C GLN A 447 -40.28 -14.79 23.49
N ALA A 448 -40.58 -14.08 22.42
CA ALA A 448 -40.88 -14.72 21.15
C ALA A 448 -39.63 -15.33 20.55
N GLU A 449 -38.50 -14.68 20.71
CA GLU A 449 -37.25 -15.26 20.24
C GLU A 449 -37.03 -16.56 20.99
N ASN A 450 -37.32 -16.57 22.29
CA ASN A 450 -37.08 -17.75 23.12
C ASN A 450 -38.01 -18.91 22.84
N ILE A 451 -39.27 -18.61 22.59
CA ILE A 451 -40.23 -19.61 22.21
C ILE A 451 -39.79 -20.28 20.90
N ALA A 452 -39.42 -19.46 19.92
CA ALA A 452 -39.05 -19.96 18.63
C ALA A 452 -37.82 -20.78 18.69
N ASP A 453 -36.86 -20.31 19.48
CA ASP A 453 -35.62 -21.03 19.70
C ASP A 453 -35.87 -22.37 20.35
N THR A 454 -36.77 -22.43 21.31
CA THR A 454 -37.10 -23.69 21.92
C THR A 454 -37.67 -24.64 20.86
N LEU A 455 -38.48 -24.13 19.94
CA LEU A 455 -39.04 -24.99 18.89
C LEU A 455 -38.04 -25.35 17.84
N VAL A 456 -37.12 -24.46 17.51
CA VAL A 456 -36.09 -24.85 16.57
C VAL A 456 -35.23 -25.98 17.14
N ASN A 457 -34.95 -25.97 18.46
CA ASN A 457 -34.19 -27.07 19.07
C ASN A 457 -34.95 -28.34 19.12
N PHE A 458 -36.21 -28.29 19.52
CA PHE A 458 -37.04 -29.48 19.55
C PHE A 458 -37.13 -30.09 18.15
N GLY A 459 -37.14 -29.26 17.11
CA GLY A 459 -37.26 -29.73 15.76
C GLY A 459 -36.04 -30.39 15.13
N SER A 460 -34.87 -30.41 15.77
CA SER A 460 -33.67 -31.06 15.19
C SER A 460 -33.60 -32.60 15.26
N TYR B 31 25.07 34.77 -27.01
CA TYR B 31 25.08 35.30 -25.59
C TYR B 31 26.23 36.30 -25.27
N GLU B 32 25.95 37.54 -25.64
CA GLU B 32 26.36 38.78 -24.97
C GLU B 32 27.27 38.66 -23.74
N ASN B 33 26.66 38.41 -22.59
CA ASN B 33 27.31 38.65 -21.34
C ASN B 33 26.72 37.73 -20.29
N LEU B 34 27.32 37.77 -19.14
CA LEU B 34 27.23 36.69 -18.21
C LEU B 34 25.96 36.75 -17.36
N SER B 35 25.58 37.95 -16.93
CA SER B 35 24.30 38.16 -16.23
C SER B 35 23.15 37.61 -17.05
N LYS B 36 23.12 37.93 -18.36
CA LYS B 36 22.09 37.42 -19.25
C LYS B 36 22.15 35.90 -19.21
N LEU B 37 23.36 35.37 -19.20
CA LEU B 37 23.53 33.94 -19.25
C LEU B 37 23.10 33.20 -17.96
N LEU B 38 23.30 33.82 -16.82
CA LEU B 38 23.01 33.21 -15.53
C LEU B 38 21.57 33.41 -15.11
N THR B 39 20.91 34.40 -15.71
CA THR B 39 19.45 34.56 -15.66
C THR B 39 18.78 33.26 -16.20
N ARG B 40 19.27 32.77 -17.32
CA ARG B 40 18.73 31.56 -17.90
C ARG B 40 19.28 30.25 -17.31
N TYR B 41 20.52 30.20 -16.79
CA TYR B 41 21.02 28.90 -16.29
C TYR B 41 21.50 29.12 -14.89
N SER B 42 20.59 29.14 -13.94
CA SER B 42 20.99 29.53 -12.58
C SER B 42 21.82 28.45 -11.88
N THR B 43 21.74 27.21 -12.35
CA THR B 43 22.62 26.21 -11.80
C THR B 43 24.09 26.52 -12.08
N LEU B 44 24.32 27.31 -13.12
CA LEU B 44 25.67 27.66 -13.48
C LEU B 44 26.17 28.78 -12.59
N ASN B 45 25.31 29.70 -12.25
CA ASN B 45 25.67 30.65 -11.24
C ASN B 45 26.11 29.94 -9.95
N THR B 46 25.34 28.95 -9.53
CA THR B 46 25.64 28.24 -8.30
C THR B 46 26.96 27.49 -8.49
N LEU B 47 27.22 26.95 -9.67
CA LEU B 47 28.47 26.23 -9.90
C LEU B 47 29.69 27.10 -9.82
N ILE B 48 29.59 28.32 -10.32
CA ILE B 48 30.68 29.24 -10.29
C ILE B 48 31.01 29.66 -8.88
N LYS B 49 29.96 29.93 -8.11
CA LYS B 49 30.07 30.27 -6.70
C LYS B 49 30.75 29.16 -5.91
N LEU B 50 30.39 27.91 -6.17
CA LEU B 50 31.04 26.77 -5.52
C LEU B 50 32.51 26.63 -5.89
N SER B 51 32.79 26.82 -7.16
CA SER B 51 34.15 26.77 -7.67
C SER B 51 35.11 27.80 -7.11
N ALA B 52 34.61 28.88 -6.53
CA ALA B 52 35.46 29.92 -5.97
C ALA B 52 35.58 29.74 -4.44
N ASP B 53 35.07 28.62 -3.94
CA ASP B 53 34.97 28.42 -2.51
C ASP B 53 35.76 27.17 -2.10
N PRO B 54 36.93 27.37 -1.48
CA PRO B 54 37.75 26.20 -1.11
C PRO B 54 36.94 25.20 -0.29
N SER B 55 35.99 25.68 0.48
CA SER B 55 35.32 24.79 1.35
C SER B 55 34.33 23.87 0.58
N ALA B 56 33.74 24.36 -0.48
CA ALA B 56 32.93 23.50 -1.30
C ALA B 56 33.81 22.61 -2.16
N ILE B 57 34.98 23.10 -2.56
CA ILE B 57 35.84 22.29 -3.38
C ILE B 57 36.29 21.11 -2.55
N ASN B 58 36.69 21.39 -1.33
CA ASN B 58 37.13 20.35 -0.40
C ASN B 58 36.01 19.37 -0.03
N ALA B 59 34.78 19.85 0.11
CA ALA B 59 33.67 18.93 0.32
C ALA B 59 33.55 17.97 -0.86
N ALA B 60 33.69 18.49 -2.07
CA ALA B 60 33.57 17.68 -3.28
C ALA B 60 34.74 16.72 -3.37
N ARG B 61 35.96 17.17 -3.02
CA ARG B 61 37.09 16.23 -2.95
C ARG B 61 36.89 15.12 -1.92
N GLU B 62 36.29 15.45 -0.81
CA GLU B 62 35.99 14.44 0.19
C GLU B 62 34.93 13.45 -0.37
N ASN B 63 33.93 13.95 -1.07
CA ASN B 63 32.98 13.05 -1.73
C ASN B 63 33.62 12.07 -2.69
N LEU B 64 34.60 12.54 -3.45
CA LEU B 64 35.29 11.67 -4.39
C LEU B 64 36.06 10.57 -3.68
N GLY B 65 36.64 10.89 -2.53
CA GLY B 65 37.24 9.88 -1.72
C GLY B 65 36.23 8.83 -1.27
N ALA B 66 35.07 9.24 -0.77
CA ALA B 66 34.09 8.29 -0.25
C ALA B 66 33.38 7.52 -1.42
N SER B 67 33.23 8.15 -2.59
CA SER B 67 32.72 7.41 -3.74
C SER B 67 33.78 6.44 -4.30
N ALA B 68 35.06 6.76 -4.14
CA ALA B 68 36.11 5.87 -4.66
C ALA B 68 36.17 4.57 -3.85
N LYS B 69 36.17 4.68 -2.55
CA LYS B 69 36.01 3.54 -1.64
C LYS B 69 34.73 2.69 -1.96
N ASN B 70 33.56 3.30 -2.12
CA ASN B 70 32.38 2.53 -2.54
C ASN B 70 32.68 1.74 -3.85
N LEU B 71 33.31 2.35 -4.85
CA LEU B 71 33.60 1.68 -6.08
C LEU B 71 34.69 0.58 -6.00
N ILE B 72 35.82 0.87 -5.38
CA ILE B 72 36.97 -0.03 -5.50
C ILE B 72 37.37 -0.71 -4.21
N GLY B 73 36.75 -0.31 -3.12
CA GLY B 73 36.97 -0.92 -1.83
C GLY B 73 35.86 -1.78 -1.25
N ASP B 74 34.65 -1.68 -1.77
CA ASP B 74 33.55 -2.46 -1.27
C ASP B 74 33.23 -3.57 -2.27
N THR B 75 32.46 -4.54 -1.82
CA THR B 75 32.04 -5.63 -2.66
C THR B 75 30.52 -5.54 -2.93
N LYS B 76 29.69 -6.01 -2.03
CA LYS B 76 28.27 -5.99 -2.25
C LYS B 76 27.81 -4.69 -2.89
N ASN B 77 28.17 -3.56 -2.31
CA ASN B 77 27.61 -2.26 -2.70
C ASN B 77 28.30 -1.54 -3.85
N SER B 78 29.30 -2.13 -4.47
CA SER B 78 29.99 -1.53 -5.59
C SER B 78 29.39 -2.00 -6.93
N PRO B 79 28.90 -1.07 -7.72
CA PRO B 79 28.48 -1.47 -9.06
C PRO B 79 29.59 -2.05 -9.89
N ALA B 80 30.79 -1.57 -9.65
CA ALA B 80 31.92 -1.99 -10.41
C ALA B 80 32.20 -3.45 -10.02
N TYR B 81 32.21 -3.75 -8.74
CA TYR B 81 32.41 -5.11 -8.35
C TYR B 81 31.31 -5.99 -8.98
N GLN B 82 30.06 -5.60 -8.85
CA GLN B 82 28.97 -6.46 -9.40
C GLN B 82 29.12 -6.67 -10.89
N ALA B 83 29.56 -5.68 -11.60
CA ALA B 83 29.73 -5.84 -13.04
C ALA B 83 30.85 -6.77 -13.45
N VAL B 84 31.97 -6.71 -12.72
CA VAL B 84 33.08 -7.62 -12.96
C VAL B 84 32.67 -9.04 -12.67
N LEU B 85 31.97 -9.24 -11.57
CA LEU B 85 31.45 -10.54 -11.19
C LEU B 85 30.48 -11.07 -12.28
N LEU B 86 29.68 -10.19 -12.86
CA LEU B 86 28.68 -10.63 -13.87
C LEU B 86 29.39 -11.09 -15.14
N ALA B 87 30.43 -10.37 -15.53
CA ALA B 87 31.18 -10.77 -16.71
C ALA B 87 31.77 -12.16 -16.55
N ILE B 88 32.36 -12.43 -15.39
CA ILE B 88 32.99 -13.71 -15.14
C ILE B 88 31.93 -14.81 -15.06
N ASN B 89 30.92 -14.60 -14.25
CA ASN B 89 29.82 -15.53 -14.18
C ASN B 89 29.13 -15.86 -15.55
N ALA B 90 29.05 -14.92 -16.46
CA ALA B 90 28.42 -15.20 -17.74
C ALA B 90 29.29 -16.12 -18.55
N ALA B 91 30.60 -15.89 -18.57
CA ALA B 91 31.52 -16.83 -19.20
C ALA B 91 31.44 -18.24 -18.60
N VAL B 92 31.51 -18.31 -17.29
CA VAL B 92 31.49 -19.61 -16.63
C VAL B 92 30.16 -20.27 -16.89
N GLY B 93 29.11 -19.51 -16.78
CA GLY B 93 27.76 -20.05 -17.04
C GLY B 93 27.58 -20.61 -18.44
N PHE B 94 28.17 -19.93 -19.40
CA PHE B 94 28.05 -20.34 -20.80
C PHE B 94 28.57 -21.77 -20.93
N TRP B 95 29.71 -22.06 -20.30
CA TRP B 95 30.25 -23.40 -20.38
C TRP B 95 29.44 -24.37 -19.57
N ASN B 96 28.88 -23.95 -18.46
CA ASN B 96 28.09 -24.90 -17.68
C ASN B 96 26.89 -25.35 -18.50
N VAL B 97 26.37 -24.46 -19.34
CA VAL B 97 25.21 -24.77 -20.17
C VAL B 97 25.55 -25.77 -21.27
N LEU B 98 26.67 -25.56 -21.98
CA LEU B 98 26.96 -26.27 -23.20
C LEU B 98 28.09 -27.29 -23.12
N GLY B 99 28.86 -27.31 -22.05
CA GLY B 99 30.02 -28.18 -21.96
C GLY B 99 29.65 -29.66 -22.15
N TYR B 100 28.57 -30.08 -21.52
CA TYR B 100 28.21 -31.49 -21.55
C TYR B 100 27.91 -31.97 -22.97
N ALA B 101 27.54 -31.04 -23.86
CA ALA B 101 27.16 -31.39 -25.24
C ALA B 101 28.29 -31.33 -26.23
N THR B 102 29.44 -30.90 -25.74
CA THR B 102 30.53 -30.53 -26.61
C THR B 102 31.37 -31.73 -26.81
N GLN B 103 31.66 -32.03 -28.06
CA GLN B 103 32.51 -33.17 -28.35
C GLN B 103 33.99 -32.87 -28.12
N CYS B 104 34.74 -33.85 -27.63
CA CYS B 104 36.19 -33.70 -27.55
C CYS B 104 36.80 -35.08 -27.57
N GLY B 105 38.04 -35.15 -28.03
CA GLY B 105 38.75 -36.39 -28.10
C GLY B 105 40.07 -36.26 -28.80
N GLY B 106 40.58 -37.42 -29.21
CA GLY B 106 41.86 -37.51 -29.90
C GLY B 106 43.06 -37.62 -28.97
N ASN B 107 44.21 -37.45 -29.60
CA ASN B 107 45.52 -37.57 -28.98
C ASN B 107 46.22 -36.23 -28.96
N ALA B 108 47.46 -36.23 -28.47
CA ALA B 108 48.10 -35.04 -27.92
C ALA B 108 48.47 -33.98 -28.94
N ASN B 109 48.54 -34.36 -30.22
CA ASN B 109 48.93 -33.46 -31.30
C ASN B 109 47.73 -32.86 -31.99
N GLY B 110 46.55 -32.93 -31.41
CA GLY B 110 45.34 -32.54 -32.11
C GLY B 110 44.91 -33.53 -33.17
N GLN B 111 45.37 -34.75 -33.06
CA GLN B 111 45.13 -35.75 -34.09
C GLN B 111 44.03 -36.68 -33.67
N GLU B 112 43.43 -37.34 -34.65
CA GLU B 112 42.42 -38.33 -34.34
C GLU B 112 43.07 -39.47 -33.57
N SER B 113 42.27 -40.13 -32.75
CA SER B 113 42.71 -41.27 -31.96
C SER B 113 41.86 -42.46 -32.33
N THR B 114 42.38 -43.64 -32.02
CA THR B 114 41.66 -44.89 -32.19
C THR B 114 40.82 -45.30 -30.99
N SER B 115 41.37 -45.19 -29.77
CA SER B 115 40.65 -45.65 -28.58
C SER B 115 41.14 -44.94 -27.32
N SER B 116 40.98 -43.62 -27.33
CA SER B 116 41.45 -42.78 -26.26
C SER B 116 40.26 -42.21 -25.49
N THR B 117 40.22 -42.48 -24.19
CA THR B 117 39.29 -41.90 -23.27
C THR B 117 40.09 -41.05 -22.29
N THR B 118 39.84 -39.74 -22.31
CA THR B 118 40.52 -38.77 -21.46
C THR B 118 39.44 -38.01 -20.68
N ILE B 119 39.45 -38.09 -19.36
CA ILE B 119 38.36 -37.55 -18.55
C ILE B 119 38.83 -36.40 -17.63
N PHE B 120 38.10 -35.29 -17.63
CA PHE B 120 38.50 -34.13 -16.87
C PHE B 120 37.55 -33.96 -15.73
N ASN B 121 38.09 -33.99 -14.51
CA ASN B 121 37.28 -33.97 -13.29
C ASN B 121 36.86 -32.57 -12.93
N ASN B 122 35.83 -32.49 -12.07
CA ASN B 122 35.19 -31.26 -11.66
C ASN B 122 34.83 -30.41 -12.87
N GLU B 123 34.02 -30.99 -13.75
CA GLU B 123 33.58 -30.34 -14.97
C GLU B 123 32.15 -30.73 -15.22
N PRO B 124 31.34 -29.83 -15.78
CA PRO B 124 29.88 -30.11 -15.84
C PRO B 124 29.42 -31.01 -16.99
N GLY B 125 29.67 -32.28 -16.80
CA GLY B 125 29.25 -33.32 -17.73
C GLY B 125 27.83 -33.80 -17.55
N TYR B 126 27.42 -34.66 -18.48
CA TYR B 126 26.07 -35.18 -18.53
C TYR B 126 25.84 -36.12 -17.36
N ARG B 127 25.02 -35.69 -16.41
CA ARG B 127 24.71 -36.44 -15.21
C ARG B 127 25.98 -36.82 -14.49
N SER B 128 26.96 -35.93 -14.43
CA SER B 128 28.32 -36.29 -13.98
C SER B 128 29.09 -35.05 -13.56
N THR B 129 30.05 -35.20 -12.65
CA THR B 129 30.98 -34.12 -12.34
C THR B 129 32.27 -34.26 -13.12
N SER B 130 32.29 -35.07 -14.19
CA SER B 130 33.39 -35.09 -15.16
C SER B 130 32.87 -34.95 -16.61
N ILE B 131 33.73 -34.42 -17.47
CA ILE B 131 33.52 -34.42 -18.90
C ILE B 131 34.46 -35.46 -19.49
N THR B 132 33.91 -36.30 -20.37
CA THR B 132 34.61 -37.43 -20.92
C THR B 132 34.83 -37.14 -22.39
N CYS B 133 36.10 -37.08 -22.76
CA CYS B 133 36.53 -36.83 -24.10
C CYS B 133 36.90 -38.17 -24.70
N SER B 134 35.95 -38.81 -25.35
CA SER B 134 36.20 -40.13 -25.93
C SER B 134 35.69 -40.30 -27.33
N LEU B 135 35.58 -39.19 -28.06
CA LEU B 135 35.23 -39.29 -29.46
C LEU B 135 36.48 -39.69 -30.33
N ASN B 136 36.46 -40.93 -30.81
CA ASN B 136 37.51 -41.41 -31.64
C ASN B 136 37.23 -41.27 -33.13
N ARG B 137 38.31 -41.40 -33.91
CA ARG B 137 38.26 -41.44 -35.35
C ARG B 137 38.01 -40.12 -36.01
N TYR B 138 37.12 -39.30 -35.48
CA TYR B 138 36.84 -38.01 -36.05
C TYR B 138 38.00 -37.04 -35.79
N LYS B 139 38.33 -36.22 -36.76
CA LYS B 139 39.44 -35.32 -36.64
C LYS B 139 39.04 -34.11 -35.79
N PRO B 140 39.83 -33.82 -34.72
CA PRO B 140 39.59 -32.68 -33.90
C PRO B 140 39.78 -31.46 -34.67
N GLY B 141 39.09 -30.41 -34.27
CA GLY B 141 39.17 -29.15 -34.95
C GLY B 141 37.79 -28.58 -35.16
N TYR B 142 37.70 -27.68 -36.12
CA TYR B 142 36.54 -26.84 -36.28
C TYR B 142 35.33 -27.70 -36.73
N TYR B 143 34.20 -27.56 -36.06
CA TYR B 143 33.01 -28.40 -36.31
C TYR B 143 33.39 -29.86 -36.17
N GLY B 144 34.26 -30.15 -35.24
CA GLY B 144 34.57 -31.54 -34.87
C GLY B 144 34.84 -31.56 -33.40
N PRO B 145 35.35 -32.66 -32.86
CA PRO B 145 35.77 -32.66 -31.44
C PRO B 145 36.85 -31.64 -31.11
N MET B 146 36.70 -30.97 -29.98
CA MET B 146 37.78 -30.11 -29.46
C MET B 146 38.99 -31.00 -29.20
N SER B 147 40.17 -30.54 -29.60
CA SER B 147 41.37 -31.25 -29.24
C SER B 147 41.55 -31.21 -27.74
N ILE B 148 42.24 -32.21 -27.21
CA ILE B 148 42.62 -32.28 -25.84
C ILE B 148 43.51 -31.10 -25.40
N GLU B 149 44.46 -30.70 -26.25
CA GLU B 149 45.22 -29.47 -26.02
C GLU B 149 44.30 -28.25 -25.76
N ASN B 150 43.24 -28.10 -26.57
CA ASN B 150 42.30 -27.04 -26.32
C ASN B 150 41.48 -27.25 -25.08
N PHE B 151 41.08 -28.49 -24.82
CA PHE B 151 40.34 -28.73 -23.61
C PHE B 151 41.18 -28.45 -22.37
N LYS B 152 42.48 -28.76 -22.42
CA LYS B 152 43.36 -28.48 -21.29
C LYS B 152 43.38 -27.01 -20.98
N LYS B 153 43.43 -26.17 -22.00
CA LYS B 153 43.53 -24.73 -21.84
C LYS B 153 42.19 -24.23 -21.23
N LEU B 154 41.08 -24.72 -21.75
CA LEU B 154 39.78 -24.35 -21.24
C LEU B 154 39.61 -24.79 -19.80
N ASN B 155 39.94 -26.04 -19.55
CA ASN B 155 39.75 -26.62 -18.24
C ASN B 155 40.54 -25.90 -17.17
N GLU B 156 41.77 -25.56 -17.47
CA GLU B 156 42.61 -24.87 -16.46
C GLU B 156 41.94 -23.54 -16.08
N ALA B 157 41.46 -22.82 -17.08
CA ALA B 157 40.82 -21.56 -16.83
C ALA B 157 39.55 -21.72 -16.06
N TYR B 158 38.81 -22.77 -16.39
CA TYR B 158 37.55 -23.03 -15.69
C TYR B 158 37.83 -23.38 -14.22
N GLN B 159 38.82 -24.20 -13.95
CA GLN B 159 39.11 -24.56 -12.56
C GLN B 159 39.52 -23.35 -11.71
N ILE B 160 40.33 -22.46 -12.27
CA ILE B 160 40.76 -21.26 -11.57
C ILE B 160 39.57 -20.35 -11.28
N LEU B 161 38.74 -20.11 -12.28
CA LEU B 161 37.58 -19.28 -12.07
C LEU B 161 36.63 -19.84 -11.05
N GLN B 162 36.39 -21.15 -11.09
CA GLN B 162 35.44 -21.71 -10.16
C GLN B 162 36.01 -21.69 -8.76
N THR B 163 37.33 -21.87 -8.63
CA THR B 163 37.92 -21.89 -7.30
C THR B 163 37.79 -20.48 -6.75
N ALA B 164 38.09 -19.48 -7.57
CA ALA B 164 38.02 -18.10 -7.13
C ALA B 164 36.61 -17.68 -6.82
N LEU B 165 35.62 -18.05 -7.65
CA LEU B 165 34.24 -17.70 -7.34
C LEU B 165 33.79 -18.26 -6.00
N ASN B 166 34.25 -19.48 -5.70
CA ASN B 166 33.89 -20.15 -4.48
C ASN B 166 34.45 -19.44 -3.29
N LYS B 167 35.63 -18.86 -3.43
CA LYS B 167 36.26 -18.19 -2.28
C LYS B 167 35.72 -16.77 -2.13
N GLY B 168 35.31 -16.15 -3.21
CA GLY B 168 34.80 -14.78 -3.17
C GLY B 168 35.79 -13.84 -3.82
N LEU B 169 35.37 -13.07 -4.80
CA LEU B 169 36.27 -12.13 -5.43
C LEU B 169 36.56 -11.00 -4.51
N PRO B 170 37.78 -10.47 -4.57
CA PRO B 170 38.13 -9.36 -3.70
C PRO B 170 37.70 -8.06 -4.38
N ALA B 171 37.73 -6.98 -3.61
CA ALA B 171 37.39 -5.68 -4.10
C ALA B 171 38.42 -5.31 -5.13
N LEU B 172 38.00 -4.48 -6.08
CA LEU B 172 38.84 -4.14 -7.21
C LEU B 172 40.24 -3.62 -6.86
N LYS B 173 40.36 -2.89 -5.77
CA LYS B 173 41.64 -2.32 -5.40
C LYS B 173 42.66 -3.34 -4.88
N GLU B 174 42.20 -4.56 -4.57
CA GLU B 174 43.05 -5.67 -4.09
C GLU B 174 43.76 -6.45 -5.19
N ASN B 175 45.05 -6.21 -5.34
CA ASN B 175 45.83 -6.82 -6.40
C ASN B 175 46.76 -7.90 -5.96
N ASN B 176 46.90 -8.19 -4.67
CA ASN B 176 47.87 -9.23 -4.25
C ASN B 176 47.25 -10.46 -3.64
N GLY B 177 45.95 -10.64 -3.83
CA GLY B 177 45.31 -11.87 -3.41
C GLY B 177 45.69 -12.95 -4.39
N THR B 178 45.75 -14.17 -3.87
CA THR B 178 46.08 -15.34 -4.63
C THR B 178 45.15 -16.44 -4.22
N VAL B 179 45.05 -17.44 -5.08
CA VAL B 179 44.27 -18.61 -4.79
C VAL B 179 45.07 -19.87 -5.12
N SER B 180 44.71 -20.97 -4.49
CA SER B 180 45.32 -22.25 -4.75
C SER B 180 44.36 -23.20 -5.49
N VAL B 181 44.78 -23.79 -6.61
CA VAL B 181 43.87 -24.60 -7.39
C VAL B 181 44.44 -25.96 -7.63
N THR B 182 43.62 -26.99 -7.49
CA THR B 182 44.01 -28.35 -7.79
C THR B 182 42.99 -29.01 -8.71
N TYR B 183 43.45 -29.69 -9.76
CA TYR B 183 42.51 -30.38 -10.67
C TYR B 183 43.18 -31.62 -11.21
N THR B 184 42.36 -32.57 -11.63
CA THR B 184 42.81 -33.86 -12.09
C THR B 184 42.20 -34.27 -13.43
N TYR B 185 42.90 -35.15 -14.13
CA TYR B 185 42.35 -35.79 -15.32
C TYR B 185 42.96 -37.18 -15.51
N THR B 186 42.26 -38.03 -16.23
CA THR B 186 42.70 -39.42 -16.41
C THR B 186 42.67 -39.80 -17.86
N CYS B 187 43.61 -40.67 -18.23
CA CYS B 187 43.77 -41.19 -19.57
C CYS B 187 43.66 -42.69 -19.50
N SER B 188 42.80 -43.25 -20.33
CA SER B 188 42.76 -44.69 -20.52
C SER B 188 42.56 -45.05 -22.02
N GLY B 189 42.77 -46.32 -22.32
CA GLY B 189 42.64 -46.82 -23.65
C GLY B 189 43.97 -46.98 -24.36
N GLU B 190 44.01 -47.99 -25.23
CA GLU B 190 45.18 -48.32 -26.00
C GLU B 190 45.59 -47.11 -26.80
N GLY B 191 46.85 -46.72 -26.69
CA GLY B 191 47.40 -45.67 -27.54
C GLY B 191 47.15 -44.24 -27.08
N ASN B 192 46.49 -44.06 -25.95
CA ASN B 192 46.22 -42.71 -25.44
C ASN B 192 47.51 -42.05 -24.97
N ASP B 193 47.92 -40.95 -25.62
CA ASP B 193 49.19 -40.32 -25.29
C ASP B 193 49.08 -39.00 -24.47
N ASN B 194 47.87 -38.63 -24.03
CA ASN B 194 47.66 -37.35 -23.36
C ASN B 194 48.14 -37.29 -21.89
N CYS B 195 48.69 -38.39 -21.36
CA CYS B 195 49.14 -38.48 -19.98
C CYS B 195 50.58 -38.93 -19.91
N LEU B 196 51.29 -38.70 -21.00
CA LEU B 196 52.61 -39.23 -21.22
C LEU B 196 53.61 -38.16 -20.75
N PRO B 197 54.69 -38.59 -20.08
CA PRO B 197 55.76 -37.71 -19.61
C PRO B 197 56.15 -36.67 -20.64
N LYS B 198 56.39 -37.11 -21.87
CA LYS B 198 56.68 -36.21 -23.00
C LYS B 198 55.68 -35.01 -23.12
N VAL B 199 54.41 -35.20 -22.75
CA VAL B 199 53.37 -34.18 -22.92
C VAL B 199 53.08 -33.41 -21.64
N THR B 200 53.17 -34.11 -20.52
CA THR B 200 52.82 -33.55 -19.22
C THR B 200 54.03 -32.86 -18.53
N GLY B 201 55.26 -33.15 -18.94
CA GLY B 201 56.45 -32.50 -18.31
C GLY B 201 57.14 -33.36 -17.23
N VAL B 202 56.39 -34.29 -16.66
CA VAL B 202 56.86 -35.25 -15.66
C VAL B 202 57.98 -36.18 -16.17
N ASP B 203 58.74 -36.75 -15.24
CA ASP B 203 59.90 -37.57 -15.53
C ASP B 203 59.61 -39.06 -15.35
N ASN B 204 58.35 -39.47 -15.45
CA ASN B 204 57.88 -40.76 -14.90
C ASN B 204 56.36 -40.87 -14.65
N GLN B 205 55.64 -41.55 -15.56
CA GLN B 205 54.25 -41.93 -15.33
C GLN B 205 54.41 -42.84 -14.15
N ASN B 206 53.49 -42.85 -13.22
CA ASN B 206 53.69 -43.68 -12.01
C ASN B 206 54.81 -43.23 -11.08
N GLY B 207 54.49 -42.16 -10.37
CA GLY B 207 55.30 -41.60 -9.31
C GLY B 207 55.78 -40.20 -9.63
N GLY B 208 54.85 -39.31 -10.00
CA GLY B 208 55.15 -37.89 -10.31
C GLY B 208 56.55 -37.73 -10.88
N THR B 209 57.13 -36.53 -10.80
CA THR B 209 56.55 -35.32 -10.24
C THR B 209 57.40 -34.18 -10.80
N LYS B 210 56.85 -33.01 -11.02
CA LYS B 210 57.62 -31.94 -11.65
C LYS B 210 57.12 -30.63 -11.11
N THR B 211 58.04 -29.75 -10.77
CA THR B 211 57.67 -28.42 -10.30
C THR B 211 58.23 -27.37 -11.24
N LYS B 212 57.38 -26.44 -11.62
CA LYS B 212 57.83 -25.35 -12.47
C LYS B 212 57.15 -24.09 -12.01
N THR B 213 57.78 -22.96 -12.31
CA THR B 213 57.32 -21.65 -11.86
C THR B 213 57.20 -20.80 -13.11
N GLN B 214 56.35 -19.78 -13.04
CA GLN B 214 56.02 -18.93 -14.17
C GLN B 214 55.86 -17.53 -13.60
N THR B 215 56.53 -16.53 -14.16
CA THR B 215 56.53 -15.22 -13.57
C THR B 215 55.48 -14.34 -14.24
N ILE B 216 54.21 -14.70 -14.05
CA ILE B 216 52.99 -13.91 -14.42
C ILE B 216 53.03 -12.45 -13.83
N ASP B 217 52.07 -11.58 -14.17
CA ASP B 217 51.90 -10.26 -13.47
C ASP B 217 53.27 -9.64 -13.04
N GLY B 218 53.50 -9.36 -11.75
CA GLY B 218 54.88 -9.24 -11.20
C GLY B 218 55.19 -10.43 -10.28
N LYS B 219 54.38 -11.49 -10.40
CA LYS B 219 54.17 -12.49 -9.34
C LYS B 219 54.46 -13.95 -9.75
N THR B 220 55.18 -14.67 -8.89
CA THR B 220 55.50 -16.11 -9.09
C THR B 220 54.28 -17.07 -8.93
N VAL B 221 53.88 -17.82 -9.98
CA VAL B 221 52.94 -18.92 -9.84
C VAL B 221 53.75 -20.21 -9.86
N THR B 222 53.49 -21.12 -8.92
CA THR B 222 54.20 -22.38 -8.84
C THR B 222 53.24 -23.50 -9.18
N THR B 223 53.65 -24.37 -10.10
CA THR B 223 52.80 -25.44 -10.57
C THR B 223 53.45 -26.78 -10.23
N THR B 224 52.68 -27.66 -9.61
CA THR B 224 53.17 -28.97 -9.26
C THR B 224 52.34 -30.06 -9.97
N ILE B 225 53.00 -30.77 -10.88
CA ILE B 225 52.36 -31.79 -11.70
C ILE B 225 52.81 -33.13 -11.22
N SER B 226 51.88 -34.03 -11.03
CA SER B 226 52.24 -35.34 -10.57
C SER B 226 51.39 -36.37 -11.28
N SER B 227 51.93 -37.58 -11.39
CA SER B 227 51.45 -38.59 -12.33
C SER B 227 51.47 -39.93 -11.60
N LYS B 228 50.47 -40.75 -11.86
CA LYS B 228 50.25 -42.03 -11.16
C LYS B 228 49.70 -43.01 -12.15
N VAL B 229 50.02 -44.28 -12.03
CA VAL B 229 49.35 -45.31 -12.84
C VAL B 229 48.53 -46.23 -11.96
N VAL B 230 47.32 -46.53 -12.40
CA VAL B 230 46.44 -47.46 -11.69
C VAL B 230 46.12 -48.60 -12.64
N ASP B 231 46.61 -49.78 -12.30
CA ASP B 231 46.36 -51.01 -13.07
C ASP B 231 44.88 -51.43 -12.98
N SER B 232 44.38 -52.03 -14.07
CA SER B 232 43.03 -52.60 -14.13
C SER B 232 42.73 -53.54 -12.97
N GLN B 233 43.70 -54.40 -12.66
CA GLN B 233 43.54 -55.44 -11.64
C GLN B 233 44.06 -54.99 -10.27
N ALA B 234 43.51 -53.90 -9.75
CA ALA B 234 44.05 -53.30 -8.53
C ALA B 234 42.91 -52.89 -7.62
N LYS B 235 43.15 -53.05 -6.32
CA LYS B 235 42.12 -52.82 -5.30
C LYS B 235 41.45 -51.46 -5.49
N GLY B 236 40.13 -51.43 -5.40
CA GLY B 236 39.37 -50.19 -5.50
C GLY B 236 39.03 -49.80 -6.92
N ASN B 237 39.57 -50.49 -7.92
CA ASN B 237 39.42 -50.05 -9.32
C ASN B 237 38.14 -50.65 -9.90
N THR B 238 37.02 -50.07 -9.47
CA THR B 238 35.67 -50.40 -9.92
C THR B 238 35.71 -50.48 -11.46
N THR B 239 36.05 -49.34 -12.07
CA THR B 239 36.42 -49.20 -13.49
C THR B 239 36.97 -50.47 -14.21
N ARG B 240 37.97 -51.14 -13.63
CA ARG B 240 38.63 -52.34 -14.23
C ARG B 240 39.37 -52.11 -15.55
N VAL B 241 39.66 -50.86 -15.92
CA VAL B 241 40.62 -50.58 -17.01
C VAL B 241 41.77 -49.79 -16.42
N SER B 242 42.94 -49.95 -17.04
CA SER B 242 44.15 -49.28 -16.60
C SER B 242 44.15 -47.82 -17.00
N TYR B 243 44.54 -46.96 -16.07
CA TYR B 243 44.58 -45.55 -16.35
C TYR B 243 45.70 -44.79 -15.65
N THR B 244 46.01 -43.63 -16.19
CA THR B 244 46.98 -42.73 -15.62
C THR B 244 46.22 -41.53 -15.06
N GLU B 245 46.59 -41.07 -13.87
CA GLU B 245 45.97 -39.88 -13.30
C GLU B 245 47.00 -38.79 -13.15
N ILE B 246 46.65 -37.61 -13.67
CA ILE B 246 47.50 -36.43 -13.59
C ILE B 246 46.88 -35.43 -12.65
N THR B 247 47.67 -34.93 -11.70
CA THR B 247 47.21 -33.91 -10.74
C THR B 247 48.02 -32.67 -11.06
N ASN B 248 47.35 -31.52 -11.12
CA ASN B 248 48.02 -30.23 -11.19
C ASN B 248 47.67 -29.40 -9.96
N LYS B 249 48.67 -28.92 -9.20
CA LYS B 249 48.46 -28.02 -8.05
C LYS B 249 49.09 -26.70 -8.40
N LEU B 250 48.29 -25.67 -8.53
CA LEU B 250 48.82 -24.32 -8.77
C LEU B 250 48.73 -23.52 -7.47
N ASP B 251 49.82 -22.84 -7.11
CA ASP B 251 49.91 -22.04 -5.89
C ASP B 251 50.27 -20.60 -6.25
N GLY B 252 49.59 -19.62 -5.66
CA GLY B 252 49.90 -18.23 -5.91
C GLY B 252 49.27 -17.73 -7.20
N VAL B 253 48.19 -18.36 -7.63
CA VAL B 253 47.47 -17.89 -8.82
C VAL B 253 46.82 -16.61 -8.41
N PRO B 254 47.09 -15.53 -9.14
CA PRO B 254 46.44 -14.29 -8.71
C PRO B 254 44.94 -14.27 -8.94
N ASP B 255 44.21 -13.71 -7.96
CA ASP B 255 42.74 -13.61 -8.01
C ASP B 255 42.21 -12.18 -8.14
N SER B 256 43.02 -11.28 -8.67
CA SER B 256 42.53 -9.94 -8.88
C SER B 256 41.60 -9.93 -10.07
N ALA B 257 40.80 -8.88 -10.16
CA ALA B 257 39.83 -8.72 -11.22
C ALA B 257 40.50 -8.81 -12.58
N GLN B 258 41.59 -8.10 -12.79
CA GLN B 258 42.26 -8.19 -14.08
C GLN B 258 42.70 -9.63 -14.37
N ALA B 259 43.28 -10.31 -13.38
CA ALA B 259 43.72 -11.69 -13.62
C ALA B 259 42.55 -12.62 -13.99
N LEU B 260 41.42 -12.48 -13.28
CA LEU B 260 40.28 -13.36 -13.50
C LEU B 260 39.52 -13.02 -14.77
N LEU B 261 39.45 -11.75 -15.14
CA LEU B 261 38.87 -11.39 -16.40
C LEU B 261 39.72 -12.00 -17.52
N ALA B 262 41.04 -12.09 -17.33
CA ALA B 262 41.89 -12.70 -18.35
C ALA B 262 41.60 -14.23 -18.50
N GLN B 263 41.28 -14.89 -17.39
CA GLN B 263 40.95 -16.30 -17.45
C GLN B 263 39.57 -16.50 -18.11
N ALA B 264 38.63 -15.60 -17.86
CA ALA B 264 37.31 -15.72 -18.47
C ALA B 264 37.44 -15.58 -19.97
N SER B 265 38.29 -14.67 -20.38
CA SER B 265 38.56 -14.39 -21.75
C SER B 265 39.22 -15.62 -22.40
N THR B 266 40.21 -16.22 -21.74
CA THR B 266 40.83 -17.47 -22.21
C THR B 266 39.72 -18.56 -22.41
N LEU B 267 38.83 -18.68 -21.41
CA LEU B 267 37.72 -19.64 -21.47
C LEU B 267 36.83 -19.40 -22.69
N ILE B 268 36.33 -18.20 -22.86
CA ILE B 268 35.38 -17.96 -23.89
C ILE B 268 36.02 -17.95 -25.30
N ASN B 269 37.22 -17.40 -25.41
CA ASN B 269 37.94 -17.39 -26.67
C ASN B 269 38.45 -18.73 -27.11
N THR B 270 38.75 -19.62 -26.18
CA THR B 270 39.16 -20.97 -26.55
C THR B 270 37.98 -21.71 -27.21
N ILE B 271 36.81 -21.52 -26.64
CA ILE B 271 35.58 -22.16 -27.11
C ILE B 271 35.21 -21.67 -28.49
N ASN B 272 35.28 -20.36 -28.66
CA ASN B 272 34.92 -19.72 -29.91
C ASN B 272 35.94 -20.04 -31.02
N THR B 273 37.23 -20.03 -30.71
CA THR B 273 38.28 -20.29 -31.71
C THR B 273 38.29 -21.79 -32.11
N ALA B 274 38.13 -22.67 -31.15
CA ALA B 274 38.16 -24.08 -31.44
C ALA B 274 36.85 -24.51 -32.11
N CYS B 275 35.77 -23.84 -31.74
CA CYS B 275 34.51 -24.00 -32.38
C CYS B 275 34.11 -25.44 -32.61
N PRO B 276 34.04 -26.23 -31.56
CA PRO B 276 33.75 -27.64 -31.73
C PRO B 276 32.28 -27.97 -31.98
N TYR B 277 32.06 -29.20 -32.45
CA TYR B 277 30.75 -29.77 -32.62
C TYR B 277 30.09 -29.97 -31.30
N PHE B 278 28.82 -29.65 -31.22
CA PHE B 278 28.05 -30.01 -30.06
C PHE B 278 26.79 -30.70 -30.49
N SER B 279 26.26 -31.49 -29.57
CA SER B 279 25.01 -32.22 -29.73
C SER B 279 24.31 -32.26 -28.35
N VAL B 280 23.15 -31.59 -28.26
CA VAL B 280 22.42 -31.45 -26.98
C VAL B 280 21.40 -32.54 -26.72
N THR B 281 21.14 -32.76 -25.43
CA THR B 281 19.97 -33.53 -24.96
C THR B 281 18.93 -32.59 -24.35
N ASN B 282 17.77 -32.50 -24.98
CA ASN B 282 16.64 -31.72 -24.45
C ASN B 282 15.68 -32.62 -23.68
N LYS B 283 15.54 -32.37 -22.38
CA LYS B 283 14.43 -32.95 -21.60
C LYS B 283 13.12 -32.29 -22.07
N SER B 284 11.98 -32.97 -21.93
CA SER B 284 10.69 -32.25 -21.90
C SER B 284 10.23 -32.04 -20.43
N GLY B 285 9.47 -30.98 -20.11
CA GLY B 285 9.18 -29.88 -20.99
C GLY B 285 10.21 -28.82 -20.69
N GLY B 286 10.05 -28.11 -19.59
CA GLY B 286 11.04 -27.10 -19.24
C GLY B 286 11.45 -26.21 -20.41
N PRO B 287 12.76 -26.21 -20.77
CA PRO B 287 13.28 -25.34 -21.83
C PRO B 287 13.98 -26.05 -23.01
N GLN B 288 13.76 -25.54 -24.22
CA GLN B 288 14.23 -26.20 -25.43
C GLN B 288 15.36 -25.41 -26.09
N MET B 289 16.45 -26.11 -26.37
CA MET B 289 17.58 -25.54 -27.08
C MET B 289 17.55 -25.80 -28.59
N GLU B 290 17.46 -24.71 -29.34
CA GLU B 290 17.65 -24.70 -30.78
C GLU B 290 18.87 -23.79 -30.99
N PRO B 291 19.79 -24.18 -31.89
CA PRO B 291 19.77 -25.45 -32.65
C PRO B 291 20.19 -26.61 -31.73
N THR B 292 19.93 -27.84 -32.13
CA THR B 292 20.17 -28.99 -31.29
C THR B 292 21.53 -29.67 -31.54
N ARG B 293 22.19 -29.22 -32.60
CA ARG B 293 23.35 -29.83 -33.15
C ARG B 293 24.04 -28.67 -33.88
N GLY B 294 25.36 -28.71 -33.94
CA GLY B 294 26.09 -27.73 -34.73
C GLY B 294 27.41 -27.42 -34.09
N LYS B 295 27.87 -26.20 -34.29
CA LYS B 295 29.20 -25.81 -33.80
C LYS B 295 29.06 -24.69 -32.76
N LEU B 296 29.91 -24.67 -31.74
CA LEU B 296 29.67 -23.73 -30.63
C LEU B 296 29.85 -22.30 -31.02
N CYS B 297 30.69 -22.00 -31.98
CA CYS B 297 30.83 -20.60 -32.36
C CYS B 297 29.59 -20.07 -33.10
N GLY B 298 28.67 -20.96 -33.48
CA GLY B 298 27.34 -20.61 -34.02
C GLY B 298 26.40 -19.87 -33.07
N PHE B 299 26.69 -19.89 -31.75
CA PHE B 299 26.03 -18.99 -30.80
C PHE B 299 26.68 -17.60 -30.83
N THR B 300 26.61 -16.93 -31.98
CA THR B 300 27.38 -15.71 -32.22
C THR B 300 26.92 -14.57 -31.35
N GLU B 301 25.62 -14.50 -31.10
CA GLU B 301 25.11 -13.40 -30.27
C GLU B 301 25.53 -13.52 -28.81
N GLU B 302 25.47 -14.74 -28.30
CA GLU B 302 25.89 -15.08 -26.95
C GLU B 302 27.37 -14.89 -26.72
N ILE B 303 28.17 -15.41 -27.61
CA ILE B 303 29.62 -15.30 -27.47
C ILE B 303 30.06 -13.83 -27.62
N SER B 304 29.48 -13.11 -28.58
CA SER B 304 29.78 -11.66 -28.69
C SER B 304 29.51 -10.89 -27.43
N ALA B 305 28.37 -11.19 -26.85
CA ALA B 305 27.92 -10.47 -25.70
C ALA B 305 28.90 -10.74 -24.54
N ILE B 306 29.21 -12.00 -24.31
CA ILE B 306 30.18 -12.31 -23.26
C ILE B 306 31.53 -11.65 -23.45
N GLN B 307 32.05 -11.70 -24.67
CA GLN B 307 33.30 -11.00 -25.00
C GLN B 307 33.18 -9.50 -24.75
N LYS B 308 32.05 -8.89 -25.09
CA LYS B 308 31.90 -7.44 -24.87
C LYS B 308 31.84 -7.14 -23.36
N MET B 309 31.14 -7.97 -22.62
CA MET B 309 31.06 -7.79 -21.19
C MET B 309 32.45 -7.82 -20.57
N ILE B 310 33.27 -8.74 -21.03
CA ILE B 310 34.59 -8.90 -20.49
C ILE B 310 35.45 -7.72 -20.92
N THR B 311 35.36 -7.32 -22.18
CA THR B 311 36.09 -6.15 -22.65
C THR B 311 35.75 -4.88 -21.83
N ASP B 312 34.46 -4.62 -21.63
CA ASP B 312 33.99 -3.47 -20.86
C ASP B 312 34.44 -3.56 -19.38
N ALA B 313 34.48 -4.75 -18.82
CA ALA B 313 34.89 -4.94 -17.49
C ALA B 313 36.41 -4.71 -17.37
N GLN B 314 37.14 -5.07 -18.41
CA GLN B 314 38.58 -4.81 -18.36
C GLN B 314 38.83 -3.31 -18.38
N GLU B 315 38.09 -2.57 -19.21
CA GLU B 315 38.24 -1.13 -19.27
C GLU B 315 37.86 -0.53 -17.91
N LEU B 316 36.80 -1.06 -17.35
CA LEU B 316 36.32 -0.57 -16.06
C LEU B 316 37.37 -0.72 -14.97
N VAL B 317 38.04 -1.86 -14.94
CA VAL B 317 38.98 -2.12 -13.92
C VAL B 317 40.23 -1.23 -14.09
N ASN B 318 40.63 -0.99 -15.33
CA ASN B 318 41.69 -0.04 -15.64
C ASN B 318 41.54 1.38 -15.08
N GLN B 319 40.31 1.82 -14.82
CA GLN B 319 40.08 3.12 -14.24
C GLN B 319 40.59 3.22 -12.80
N THR B 320 40.81 2.08 -12.16
CA THR B 320 41.31 2.01 -10.79
C THR B 320 42.68 2.68 -10.67
N SER B 321 43.53 2.55 -11.67
CA SER B 321 44.87 3.16 -11.50
C SER B 321 44.77 4.66 -11.68
N VAL B 322 43.82 5.13 -12.48
CA VAL B 322 43.57 6.57 -12.62
C VAL B 322 43.07 7.17 -11.28
N ILE B 323 42.10 6.52 -10.66
CA ILE B 323 41.62 6.96 -9.35
C ILE B 323 42.73 6.95 -8.28
N ASN B 324 43.51 5.87 -8.20
CA ASN B 324 44.67 5.78 -7.28
C ASN B 324 45.74 6.83 -7.51
N GLU B 325 46.02 7.15 -8.77
CA GLU B 325 47.07 8.10 -9.09
C GLU B 325 46.71 9.51 -8.65
N HIS B 326 45.42 9.82 -8.64
CA HIS B 326 44.93 11.16 -8.40
C HIS B 326 44.09 11.23 -7.11
N GLU B 327 44.76 11.01 -5.99
CA GLU B 327 44.14 10.99 -4.68
C GLU B 327 43.73 12.44 -4.40
N GLN B 328 42.64 12.59 -3.65
CA GLN B 328 41.94 13.85 -3.45
C GLN B 328 41.88 14.17 -1.99
N SER B 329 42.72 13.59 -1.17
CA SER B 329 42.59 13.76 0.28
C SER B 329 43.33 15.01 0.83
N THR B 330 44.21 15.60 0.04
CA THR B 330 44.92 16.78 0.45
C THR B 330 44.07 18.03 0.33
N PRO B 331 43.79 18.74 1.46
CA PRO B 331 42.96 19.93 1.33
C PRO B 331 43.62 20.99 0.42
N VAL B 332 42.80 21.75 -0.32
CA VAL B 332 43.30 22.79 -1.20
C VAL B 332 42.77 24.07 -0.65
N GLY B 333 43.41 25.17 -1.01
CA GLY B 333 43.06 26.47 -0.46
C GLY B 333 43.84 27.54 -1.20
N GLY B 334 43.83 28.74 -0.70
CA GLY B 334 44.70 29.78 -1.25
C GLY B 334 46.18 29.49 -0.98
N ASN B 335 47.00 30.52 -1.09
CA ASN B 335 48.41 30.33 -0.77
C ASN B 335 49.03 31.62 -0.24
N ASN B 336 50.23 31.48 0.33
CA ASN B 336 50.74 32.39 1.38
C ASN B 336 49.81 33.48 1.89
N GLY B 337 48.71 33.04 2.52
CA GLY B 337 47.78 33.92 3.26
C GLY B 337 46.62 34.50 2.50
N LYS B 338 46.75 34.58 1.16
CA LYS B 338 45.76 35.31 0.34
C LYS B 338 44.53 34.44 0.16
N PRO B 339 43.39 35.07 -0.11
CA PRO B 339 42.21 34.30 -0.54
C PRO B 339 42.46 33.47 -1.80
N PHE B 340 41.71 32.37 -1.90
CA PHE B 340 41.72 31.47 -3.05
C PHE B 340 41.42 32.24 -4.29
N ASN B 341 42.30 32.07 -5.27
CA ASN B 341 42.13 32.64 -6.59
C ASN B 341 41.87 31.51 -7.60
N PRO B 342 40.64 31.39 -8.11
CA PRO B 342 40.31 30.28 -9.02
C PRO B 342 41.07 30.28 -10.33
N PHE B 343 41.74 31.38 -10.67
CA PHE B 343 42.48 31.46 -11.91
C PHE B 343 43.95 31.04 -11.79
N THR B 344 44.48 30.98 -10.58
CA THR B 344 45.94 30.71 -10.39
C THR B 344 46.26 29.58 -9.42
N ASP B 345 45.41 29.38 -8.42
CA ASP B 345 45.66 28.40 -7.39
C ASP B 345 45.07 27.04 -7.62
N ALA B 346 44.65 26.72 -8.83
CA ALA B 346 43.86 25.55 -9.02
C ALA B 346 44.51 24.50 -9.90
N SER B 347 45.81 24.30 -9.76
CA SER B 347 46.51 23.28 -10.56
C SER B 347 46.18 21.84 -10.15
N PHE B 348 45.55 21.64 -8.99
CA PHE B 348 45.01 20.35 -8.61
C PHE B 348 43.76 19.93 -9.48
N ALA B 349 43.21 20.86 -10.25
CA ALA B 349 41.93 20.59 -10.90
C ALA B 349 42.02 19.53 -11.95
N GLN B 350 43.14 19.45 -12.66
CA GLN B 350 43.30 18.42 -13.68
C GLN B 350 43.19 17.06 -13.09
N GLY B 351 43.80 16.89 -11.92
CA GLY B 351 43.77 15.62 -11.20
C GLY B 351 42.40 15.31 -10.66
N MET B 352 41.70 16.32 -10.19
CA MET B 352 40.39 16.14 -9.64
C MET B 352 39.46 15.78 -10.77
N LEU B 353 39.64 16.41 -11.93
CA LEU B 353 38.79 16.11 -13.10
C LEU B 353 39.07 14.72 -13.59
N ALA B 354 40.31 14.30 -13.60
CA ALA B 354 40.59 12.95 -14.09
C ALA B 354 40.05 11.91 -13.12
N ASN B 355 40.11 12.19 -11.81
CA ASN B 355 39.62 11.22 -10.83
C ASN B 355 38.10 11.07 -10.99
N ALA B 356 37.39 12.20 -10.93
CA ALA B 356 35.97 12.22 -11.12
C ALA B 356 35.48 11.55 -12.40
N SER B 357 36.17 11.76 -13.51
CA SER B 357 35.74 11.17 -14.80
C SER B 357 36.01 9.70 -14.86
N ALA B 358 37.06 9.24 -14.18
CA ALA B 358 37.33 7.84 -14.21
C ALA B 358 36.22 7.14 -13.42
N GLN B 359 35.78 7.73 -12.29
CA GLN B 359 34.71 7.17 -11.49
C GLN B 359 33.38 7.10 -12.26
N ALA B 360 33.00 8.20 -12.89
CA ALA B 360 31.84 8.20 -13.81
C ALA B 360 32.01 7.15 -14.91
N LYS B 361 33.21 6.95 -15.44
CA LYS B 361 33.40 5.94 -16.51
C LYS B 361 33.23 4.55 -15.95
N MET B 362 33.74 4.30 -14.75
CA MET B 362 33.49 3.01 -14.10
C MET B 362 32.01 2.75 -13.99
N LEU B 363 31.28 3.74 -13.49
CA LEU B 363 29.88 3.53 -13.25
C LEU B 363 29.13 3.24 -14.59
N ASN B 364 29.48 3.95 -15.65
CA ASN B 364 28.79 3.79 -16.91
C ASN B 364 29.09 2.44 -17.53
N LEU B 365 30.35 2.01 -17.49
CA LEU B 365 30.72 0.69 -17.97
C LEU B 365 30.05 -0.39 -17.15
N ALA B 366 29.92 -0.19 -15.86
CA ALA B 366 29.27 -1.19 -15.04
C ALA B 366 27.87 -1.38 -15.49
N HIS B 367 27.20 -0.29 -15.69
CA HIS B 367 25.84 -0.32 -16.19
C HIS B 367 25.74 -1.04 -17.53
N GLN B 368 26.71 -0.81 -18.38
CA GLN B 368 26.68 -1.30 -19.79
C GLN B 368 26.88 -2.82 -19.84
N VAL B 369 27.72 -3.31 -18.93
CA VAL B 369 27.89 -4.71 -18.72
C VAL B 369 26.55 -5.35 -18.45
N GLY B 370 25.82 -4.84 -17.48
CA GLY B 370 24.51 -5.36 -17.15
C GLY B 370 23.54 -5.27 -18.31
N GLN B 371 23.58 -4.22 -19.10
CA GLN B 371 22.65 -4.06 -20.22
C GLN B 371 23.00 -4.96 -21.38
N THR B 372 24.21 -5.47 -21.44
CA THR B 372 24.54 -6.39 -22.51
C THR B 372 23.82 -7.77 -22.33
N ILE B 373 23.60 -8.21 -21.08
CA ILE B 373 23.09 -9.53 -20.81
C ILE B 373 21.67 -9.54 -20.22
N ASN B 374 21.14 -8.38 -19.84
CA ASN B 374 19.87 -8.35 -19.15
C ASN B 374 18.74 -8.72 -20.08
N PRO B 375 17.97 -9.74 -19.71
CA PRO B 375 16.95 -10.27 -20.62
C PRO B 375 15.78 -9.36 -20.88
N ASP B 376 15.60 -8.31 -20.10
CA ASP B 376 14.50 -7.39 -20.32
C ASP B 376 14.64 -6.73 -21.69
N ASN B 377 15.85 -6.62 -22.20
CA ASN B 377 16.07 -5.98 -23.49
C ASN B 377 16.60 -6.92 -24.54
N LEU B 378 16.75 -8.21 -24.22
CA LEU B 378 17.13 -9.15 -25.28
C LEU B 378 15.92 -9.59 -26.02
N THR B 379 16.16 -10.24 -27.14
CA THR B 379 15.07 -10.71 -28.01
C THR B 379 15.35 -12.07 -28.67
N GLY B 380 14.30 -12.77 -29.08
CA GLY B 380 14.45 -14.05 -29.78
C GLY B 380 15.23 -15.17 -29.10
N THR B 381 16.13 -15.78 -29.86
CA THR B 381 16.79 -16.97 -29.36
C THR B 381 17.82 -16.66 -28.33
N PHE B 382 18.36 -15.46 -28.38
CA PHE B 382 19.30 -14.99 -27.37
C PHE B 382 18.59 -14.80 -26.02
N LYS B 383 17.50 -14.04 -25.99
CA LYS B 383 16.69 -13.96 -24.78
C LYS B 383 16.39 -15.35 -24.23
N ASN B 384 16.04 -16.26 -25.12
CA ASN B 384 15.66 -17.57 -24.66
C ASN B 384 16.85 -18.32 -24.06
N PHE B 385 18.02 -18.15 -24.64
CA PHE B 385 19.22 -18.77 -24.11
C PHE B 385 19.50 -18.25 -22.69
N VAL B 386 19.26 -16.99 -22.45
CA VAL B 386 19.51 -16.41 -21.13
C VAL B 386 18.43 -16.76 -20.12
N THR B 387 17.16 -16.60 -20.47
CA THR B 387 16.08 -16.80 -19.51
C THR B 387 15.88 -18.28 -19.29
N GLY B 388 16.13 -19.10 -20.31
CA GLY B 388 15.89 -20.54 -20.22
C GLY B 388 17.04 -21.35 -19.69
N PHE B 389 18.27 -20.90 -19.92
CA PHE B 389 19.47 -21.71 -19.65
C PHE B 389 20.51 -21.00 -18.80
N LEU B 390 21.04 -19.91 -19.28
CA LEU B 390 22.13 -19.19 -18.59
C LEU B 390 21.80 -18.64 -17.17
N ALA B 391 20.59 -18.16 -16.97
CA ALA B 391 20.19 -17.55 -15.71
C ALA B 391 19.30 -18.49 -14.97
N THR B 392 19.85 -19.63 -14.66
CA THR B 392 19.11 -20.75 -14.18
C THR B 392 20.13 -21.61 -13.47
N CYS B 393 19.74 -22.36 -12.45
CA CYS B 393 20.60 -23.43 -11.97
C CYS B 393 19.77 -24.67 -11.73
N ASN B 394 20.25 -25.84 -12.17
CA ASN B 394 19.55 -27.09 -11.88
C ASN B 394 20.07 -27.84 -10.65
N ASN B 395 21.15 -27.36 -10.02
CA ASN B 395 21.74 -27.99 -8.81
C ASN B 395 20.71 -28.19 -7.74
N LYS B 396 21.00 -29.22 -6.93
CA LYS B 396 20.20 -29.83 -5.82
C LYS B 396 19.40 -31.05 -6.28
N GLY B 406 20.50 -21.73 -2.20
CA GLY B 406 21.33 -22.22 -3.30
C GLY B 406 22.61 -22.94 -2.85
N SER B 407 23.25 -23.62 -3.80
CA SER B 407 24.59 -24.22 -3.63
C SER B 407 25.65 -23.13 -3.81
N PRO B 408 26.77 -23.19 -3.04
CA PRO B 408 27.67 -22.03 -3.11
C PRO B 408 28.23 -21.80 -4.53
N PRO B 409 28.68 -20.59 -4.83
CA PRO B 409 29.31 -20.44 -6.13
C PRO B 409 30.50 -21.39 -6.33
N GLY B 410 30.80 -21.69 -7.59
CA GLY B 410 31.88 -22.56 -7.95
C GLY B 410 31.60 -24.06 -7.85
N THR B 411 30.35 -24.46 -7.57
CA THR B 411 30.12 -25.89 -7.36
C THR B 411 29.55 -26.58 -8.62
N VAL B 412 30.18 -27.72 -8.89
CA VAL B 412 29.86 -28.57 -9.98
C VAL B 412 29.21 -29.78 -9.37
N THR B 413 27.94 -29.97 -9.66
CA THR B 413 27.31 -31.23 -9.36
C THR B 413 26.94 -31.98 -10.62
N THR B 414 26.34 -33.16 -10.44
CA THR B 414 25.85 -33.97 -11.52
C THR B 414 24.64 -33.36 -12.21
N GLN B 415 24.04 -32.31 -11.62
CA GLN B 415 22.95 -31.60 -12.30
C GLN B 415 23.32 -30.18 -12.75
N THR B 416 24.60 -29.82 -12.74
CA THR B 416 25.01 -28.53 -13.26
C THR B 416 24.69 -28.37 -14.79
N PHE B 417 24.95 -29.40 -15.56
CA PHE B 417 24.82 -29.32 -17.00
C PHE B 417 23.49 -28.76 -17.56
N ALA B 418 23.61 -28.10 -18.70
CA ALA B 418 22.50 -27.40 -19.36
C ALA B 418 21.87 -26.30 -18.51
N SER B 419 22.61 -25.79 -17.55
CA SER B 419 22.17 -24.63 -16.80
C SER B 419 23.38 -23.78 -16.41
N GLY B 420 23.20 -22.49 -16.27
CA GLY B 420 24.28 -21.61 -15.87
C GLY B 420 24.93 -21.91 -14.52
N CYS B 421 24.16 -21.95 -13.46
CA CYS B 421 24.77 -22.19 -12.16
C CYS B 421 25.96 -21.26 -11.85
N ALA B 422 25.83 -20.01 -12.20
CA ALA B 422 26.80 -19.05 -11.88
C ALA B 422 26.09 -17.79 -11.42
N TYR B 423 24.93 -17.89 -10.79
CA TYR B 423 24.34 -16.74 -10.09
C TYR B 423 24.13 -15.52 -10.97
N VAL B 424 23.74 -15.77 -12.22
CA VAL B 424 23.57 -14.67 -13.16
C VAL B 424 22.31 -13.84 -12.85
N GLU B 425 21.22 -14.48 -12.47
CA GLU B 425 20.06 -13.68 -12.13
C GLU B 425 20.39 -12.84 -10.90
N GLN B 426 20.85 -13.48 -9.83
CA GLN B 426 21.16 -12.77 -8.56
C GLN B 426 22.21 -11.65 -8.81
N THR B 427 23.20 -11.87 -9.65
CA THR B 427 24.18 -10.85 -9.86
C THR B 427 23.62 -9.63 -10.67
N ILE B 428 22.69 -9.87 -11.61
CA ILE B 428 22.03 -8.76 -12.33
C ILE B 428 21.22 -7.95 -11.36
N THR B 429 20.43 -8.63 -10.55
CA THR B 429 19.71 -8.01 -9.49
C THR B 429 20.64 -7.18 -8.57
N ASN B 430 21.74 -7.75 -8.12
CA ASN B 430 22.60 -7.01 -7.15
C ASN B 430 23.29 -5.84 -7.80
N LEU B 431 23.61 -5.97 -9.09
CA LEU B 431 24.16 -4.86 -9.81
C LEU B 431 23.15 -3.72 -9.83
N ASN B 432 21.88 -4.02 -10.13
CA ASN B 432 20.83 -2.99 -10.11
C ASN B 432 20.63 -2.38 -8.71
N ASN B 433 20.60 -3.23 -7.68
CA ASN B 433 20.45 -2.72 -6.33
C ASN B 433 21.59 -1.80 -6.00
N SER B 434 22.79 -2.07 -6.49
CA SER B 434 23.92 -1.23 -6.09
C SER B 434 23.96 0.06 -6.92
N ILE B 435 23.45 0.01 -8.16
CA ILE B 435 23.33 1.25 -8.91
C ILE B 435 22.27 2.16 -8.26
N ALA B 436 21.14 1.59 -7.88
CA ALA B 436 20.15 2.34 -7.16
C ALA B 436 20.67 2.96 -5.86
N HIS B 437 21.58 2.26 -5.17
CA HIS B 437 22.13 2.77 -3.88
C HIS B 437 23.33 3.66 -4.11
N PHE B 438 23.64 3.94 -5.37
CA PHE B 438 24.70 4.85 -5.79
C PHE B 438 24.16 6.21 -6.29
N GLY B 439 22.91 6.52 -6.05
CA GLY B 439 22.36 7.75 -6.54
C GLY B 439 23.02 9.00 -6.00
N THR B 440 23.22 9.08 -4.70
CA THR B 440 23.84 10.26 -4.18
C THR B 440 25.25 10.38 -4.74
N GLN B 441 25.96 9.28 -4.76
CA GLN B 441 27.38 9.35 -5.07
C GLN B 441 27.59 9.75 -6.50
N GLU B 442 26.73 9.28 -7.38
CA GLU B 442 26.77 9.66 -8.78
C GLU B 442 26.60 11.17 -8.95
N GLN B 443 25.61 11.77 -8.26
CA GLN B 443 25.42 13.20 -8.37
C GLN B 443 26.65 13.92 -7.81
N GLN B 444 27.24 13.38 -6.75
CA GLN B 444 28.48 14.00 -6.22
C GLN B 444 29.66 13.86 -7.15
N ILE B 445 29.75 12.74 -7.88
CA ILE B 445 30.83 12.63 -8.82
C ILE B 445 30.65 13.67 -9.93
N GLN B 446 29.40 13.90 -10.36
CA GLN B 446 29.14 14.90 -11.40
C GLN B 446 29.43 16.31 -10.94
N GLN B 447 28.96 16.66 -9.77
CA GLN B 447 29.28 17.97 -9.17
C GLN B 447 30.75 18.20 -9.14
N ALA B 448 31.51 17.20 -8.69
CA ALA B 448 32.95 17.32 -8.63
C ALA B 448 33.59 17.42 -9.99
N GLU B 449 33.08 16.71 -10.97
CA GLU B 449 33.63 16.77 -12.33
C GLU B 449 33.39 18.16 -12.84
N ASN B 450 32.25 18.73 -12.50
CA ASN B 450 31.93 20.06 -12.99
C ASN B 450 32.70 21.17 -12.32
N ILE B 451 32.91 21.05 -11.02
CA ILE B 451 33.74 22.04 -10.29
C ILE B 451 35.13 22.03 -10.89
N ALA B 452 35.66 20.86 -11.11
CA ALA B 452 37.03 20.75 -11.60
C ALA B 452 37.15 21.31 -13.01
N ASP B 453 36.16 20.99 -13.82
CA ASP B 453 36.13 21.46 -15.18
C ASP B 453 36.06 22.98 -15.20
N THR B 454 35.25 23.57 -14.34
CA THR B 454 35.19 25.02 -14.26
C THR B 454 36.58 25.57 -13.94
N LEU B 455 37.32 24.92 -13.02
CA LEU B 455 38.66 25.43 -12.70
C LEU B 455 39.67 25.15 -13.77
N VAL B 456 39.56 24.03 -14.48
CA VAL B 456 40.47 23.85 -15.58
C VAL B 456 40.29 24.95 -16.63
N ASN B 457 39.04 25.38 -16.87
CA ASN B 457 38.79 26.43 -17.84
C ASN B 457 39.30 27.75 -17.39
N PHE B 458 39.02 28.11 -16.15
CA PHE B 458 39.55 29.35 -15.59
C PHE B 458 41.06 29.40 -15.67
N GLY B 459 41.69 28.24 -15.52
CA GLY B 459 43.12 28.13 -15.51
C GLY B 459 43.87 28.31 -16.83
N SER B 460 43.20 28.24 -17.98
CA SER B 460 43.89 28.21 -19.30
C SER B 460 43.88 29.53 -20.10
N VAL C 2 -20.74 -2.78 33.51
CA VAL C 2 -21.08 -4.19 33.18
C VAL C 2 -21.24 -4.91 34.52
N GLN C 3 -22.36 -4.63 35.22
CA GLN C 3 -22.79 -5.28 36.51
C GLN C 3 -23.99 -4.55 37.17
N LEU C 4 -24.81 -5.35 37.83
CA LEU C 4 -26.12 -4.95 38.28
C LEU C 4 -26.39 -5.60 39.60
N GLN C 5 -26.91 -4.83 40.55
CA GLN C 5 -27.07 -5.37 41.91
C GLN C 5 -28.21 -4.72 42.68
N GLU C 6 -29.30 -5.47 42.79
CA GLU C 6 -30.55 -5.01 43.37
C GLU C 6 -30.58 -5.34 44.82
N SER C 7 -31.29 -4.52 45.58
CA SER C 7 -31.52 -4.84 47.00
C SER C 7 -32.77 -4.12 47.46
N GLY C 8 -33.17 -4.35 48.71
CA GLY C 8 -34.36 -3.67 49.27
C GLY C 8 -35.65 -4.49 49.39
N GLY C 9 -35.66 -5.67 48.79
CA GLY C 9 -36.82 -6.53 48.87
C GLY C 9 -37.04 -7.08 50.25
N GLY C 10 -38.19 -7.69 50.44
CA GLY C 10 -38.51 -8.39 51.65
C GLY C 10 -39.96 -8.84 51.61
N LEU C 11 -40.46 -9.28 52.75
CA LEU C 11 -41.82 -9.66 52.92
C LEU C 11 -42.58 -8.51 53.59
N VAL C 12 -43.65 -8.06 52.97
CA VAL C 12 -44.45 -7.00 53.54
C VAL C 12 -45.94 -7.37 53.49
N GLN C 13 -46.74 -6.59 54.22
CA GLN C 13 -48.17 -6.75 54.31
C GLN C 13 -48.82 -5.94 53.19
N PRO C 14 -50.00 -6.37 52.74
CA PRO C 14 -50.70 -5.58 51.69
C PRO C 14 -51.02 -4.18 52.16
N GLY C 15 -50.78 -3.19 51.31
CA GLY C 15 -50.96 -1.77 51.66
C GLY C 15 -49.61 -1.15 51.95
N GLY C 16 -48.59 -2.00 52.09
CA GLY C 16 -47.32 -1.60 52.59
C GLY C 16 -46.50 -1.00 51.50
N SER C 17 -45.24 -0.77 51.82
CA SER C 17 -44.42 0.08 51.03
C SER C 17 -42.99 -0.44 51.11
N LEU C 18 -42.22 -0.26 50.06
CA LEU C 18 -40.84 -0.74 49.98
C LEU C 18 -40.07 0.13 49.04
N ARG C 19 -38.79 0.36 49.34
CA ARG C 19 -37.94 1.02 48.39
C ARG C 19 -36.85 0.08 47.95
N LEU C 20 -36.77 -0.19 46.64
CA LEU C 20 -35.73 -1.04 46.06
C LEU C 20 -34.64 -0.17 45.48
N SER C 21 -33.42 -0.69 45.53
CA SER C 21 -32.27 0.01 44.93
C SER C 21 -31.59 -0.85 43.93
N CYS C 22 -30.96 -0.21 42.97
CA CYS C 22 -30.01 -0.88 42.09
C CYS C 22 -28.70 -0.16 42.00
N ALA C 23 -27.63 -0.86 42.30
CA ALA C 23 -26.32 -0.30 42.04
C ALA C 23 -25.82 -0.82 40.68
N ALA C 24 -25.74 0.07 39.70
CA ALA C 24 -25.27 -0.31 38.37
C ALA C 24 -23.90 0.21 38.12
N SER C 25 -23.16 -0.45 37.25
CA SER C 25 -21.88 0.11 36.79
C SER C 25 -22.10 1.30 35.85
N GLY C 26 -21.12 2.20 35.79
CA GLY C 26 -21.14 3.36 34.92
C GLY C 26 -21.38 3.01 33.44
N SER C 27 -20.74 1.96 32.94
CA SER C 27 -20.87 1.69 31.51
C SER C 27 -22.31 1.30 31.17
N ILE C 28 -22.99 0.62 32.09
CA ILE C 28 -24.41 0.31 31.96
C ILE C 28 -25.31 1.53 32.08
N PHE C 29 -24.94 2.38 33.02
CA PHE C 29 -25.88 3.36 33.49
C PHE C 29 -25.78 4.66 32.70
N SER C 30 -24.55 5.08 32.48
CA SER C 30 -24.31 6.46 32.05
C SER C 30 -24.90 6.65 30.64
N GLY C 31 -25.75 7.65 30.49
CA GLY C 31 -26.29 8.02 29.22
C GLY C 31 -27.30 7.07 28.70
N ASN C 32 -27.76 6.14 29.52
CA ASN C 32 -28.74 5.11 29.11
C ASN C 32 -30.03 5.21 29.87
N VAL C 33 -31.10 4.89 29.18
CA VAL C 33 -32.37 4.64 29.79
C VAL C 33 -32.19 3.44 30.73
N MET C 34 -32.83 3.46 31.89
CA MET C 34 -32.70 2.37 32.86
C MET C 34 -34.07 2.01 33.28
N GLY C 35 -34.25 0.80 33.77
CA GLY C 35 -35.59 0.39 34.21
C GLY C 35 -35.65 -0.82 35.12
N TRP C 36 -36.86 -1.08 35.58
CA TRP C 36 -37.12 -2.17 36.50
C TRP C 36 -38.05 -3.16 35.85
N TYR C 37 -37.90 -4.43 36.24
CA TYR C 37 -38.59 -5.57 35.74
C TYR C 37 -38.97 -6.45 36.90
N ARG C 38 -39.85 -7.41 36.67
CA ARG C 38 -40.12 -8.37 37.70
C ARG C 38 -40.55 -9.68 37.11
N GLN C 39 -40.37 -10.75 37.87
CA GLN C 39 -40.68 -12.07 37.41
C GLN C 39 -41.45 -12.73 38.51
N ALA C 40 -42.72 -12.94 38.23
CA ALA C 40 -43.66 -13.50 39.17
C ALA C 40 -43.81 -15.03 38.98
N PRO C 41 -44.37 -15.73 39.97
CA PRO C 41 -44.47 -17.18 39.89
C PRO C 41 -45.23 -17.63 38.68
N GLY C 42 -44.66 -18.63 37.98
CA GLY C 42 -45.17 -19.17 36.74
C GLY C 42 -45.23 -18.21 35.55
N LYS C 43 -44.55 -17.07 35.61
CA LYS C 43 -44.55 -16.17 34.46
C LYS C 43 -43.17 -15.76 34.09
N LEU C 44 -43.05 -15.18 32.91
CA LEU C 44 -41.79 -14.70 32.41
C LEU C 44 -41.63 -13.29 32.85
N ARG C 45 -40.40 -12.79 32.76
CA ARG C 45 -40.08 -11.44 33.19
C ARG C 45 -40.97 -10.41 32.47
N GLU C 46 -41.44 -9.42 33.22
CA GLU C 46 -42.40 -8.40 32.78
C GLU C 46 -41.74 -7.02 32.99
N TRP C 47 -41.88 -6.11 32.03
CA TRP C 47 -41.34 -4.76 32.17
C TRP C 47 -42.24 -3.96 33.08
N VAL C 48 -41.65 -3.16 33.96
CA VAL C 48 -42.43 -2.47 35.01
C VAL C 48 -42.36 -0.94 34.93
N ALA C 49 -41.17 -0.40 34.72
CA ALA C 49 -40.97 1.05 34.70
C ALA C 49 -39.67 1.39 34.02
N ALA C 50 -39.56 2.60 33.53
CA ALA C 50 -38.33 3.06 32.87
C ALA C 50 -38.13 4.53 33.10
N ILE C 51 -36.92 5.02 32.88
CA ILE C 51 -36.60 6.42 33.12
C ILE C 51 -35.39 6.84 32.23
N THR C 52 -35.50 7.97 31.56
CA THR C 52 -34.45 8.41 30.66
C THR C 52 -33.33 9.06 31.44
N PRO C 53 -32.16 9.29 30.80
CA PRO C 53 -31.09 10.03 31.47
C PRO C 53 -31.52 11.36 32.07
N GLN C 54 -32.44 12.05 31.40
CA GLN C 54 -32.90 13.34 31.88
C GLN C 54 -33.93 13.20 32.98
N GLY C 55 -34.39 11.99 33.25
CA GLY C 55 -35.27 11.78 34.41
C GLY C 55 -36.75 11.61 34.16
N VAL C 56 -37.17 11.46 32.92
CA VAL C 56 -38.59 11.28 32.58
C VAL C 56 -38.93 9.82 32.74
N PRO C 57 -39.90 9.49 33.59
CA PRO C 57 -40.30 8.14 33.94
C PRO C 57 -41.54 7.69 33.16
N ASN C 58 -41.71 6.38 32.96
CA ASN C 58 -42.95 5.84 32.42
C ASN C 58 -43.16 4.47 33.01
N TYR C 59 -44.41 4.05 33.09
CA TYR C 59 -44.79 2.87 33.85
C TYR C 59 -45.77 1.95 33.12
N ALA C 60 -45.72 0.68 33.45
CA ALA C 60 -46.70 -0.28 32.94
C ALA C 60 -48.00 0.01 33.63
N ASP C 61 -49.12 -0.30 32.97
CA ASP C 61 -50.44 -0.07 33.55
C ASP C 61 -50.63 -0.70 34.94
N SER C 62 -50.04 -1.86 35.17
CA SER C 62 -50.27 -2.59 36.40
C SER C 62 -49.69 -1.86 37.61
N VAL C 63 -48.76 -0.92 37.38
CA VAL C 63 -48.16 -0.23 38.52
C VAL C 63 -48.31 1.27 38.49
N LYS C 64 -48.88 1.78 37.42
CA LYS C 64 -48.97 3.20 37.28
C LYS C 64 -49.79 3.71 38.44
N GLY C 65 -49.40 4.88 38.97
CA GLY C 65 -50.08 5.50 40.08
C GLY C 65 -49.58 5.03 41.42
N ARG C 66 -48.87 3.92 41.49
CA ARG C 66 -48.48 3.35 42.81
C ARG C 66 -46.97 3.24 43.02
N PHE C 67 -46.18 3.16 41.95
CA PHE C 67 -44.73 3.01 42.02
C PHE C 67 -44.07 4.27 41.45
N THR C 68 -42.87 4.60 41.91
CA THR C 68 -42.14 5.74 41.39
C THR C 68 -40.69 5.36 41.16
N ILE C 69 -40.24 5.59 39.95
CA ILE C 69 -38.89 5.22 39.56
C ILE C 69 -38.08 6.49 39.54
N SER C 70 -36.83 6.39 39.96
CA SER C 70 -35.95 7.55 39.93
C SER C 70 -34.51 7.11 39.80
N ARG C 71 -33.66 8.05 39.49
CA ARG C 71 -32.28 7.73 39.23
C ARG C 71 -31.42 8.83 39.84
N ASP C 72 -30.29 8.44 40.41
CA ASP C 72 -29.27 9.39 40.85
C ASP C 72 -28.07 9.36 39.90
N ASN C 73 -27.93 10.39 39.06
CA ASN C 73 -26.87 10.35 38.05
C ASN C 73 -25.48 10.50 38.62
N ALA C 74 -25.34 11.02 39.82
CA ALA C 74 -24.01 11.14 40.40
C ALA C 74 -23.47 9.81 40.97
N LYS C 75 -24.34 8.82 41.23
CA LYS C 75 -23.92 7.57 41.92
C LYS C 75 -24.32 6.31 41.15
N ASN C 76 -24.81 6.44 39.95
CA ASN C 76 -25.29 5.32 39.18
C ASN C 76 -26.23 4.43 39.97
N MET C 77 -27.20 5.05 40.61
CA MET C 77 -28.18 4.31 41.40
C MET C 77 -29.54 4.50 40.78
N LEU C 78 -30.30 3.43 40.84
CA LEU C 78 -31.66 3.42 40.33
C LEU C 78 -32.53 2.96 41.48
N TYR C 79 -33.70 3.58 41.62
CA TYR C 79 -34.56 3.34 42.76
C TYR C 79 -35.98 3.04 42.33
N LEU C 80 -36.70 2.25 43.11
CA LEU C 80 -38.12 2.06 42.85
C LEU C 80 -38.87 2.09 44.13
N GLN C 81 -39.70 3.11 44.29
CA GLN C 81 -40.50 3.27 45.45
C GLN C 81 -41.82 2.65 45.14
N MET C 82 -42.18 1.64 45.93
CA MET C 82 -43.42 0.88 45.79
C MET C 82 -44.35 1.23 46.94
N SER C 83 -45.55 1.71 46.61
CA SER C 83 -46.60 1.97 47.56
C SER C 83 -47.85 1.19 47.21
N SER C 84 -48.75 1.08 48.18
CA SER C 84 -50.01 0.37 48.03
C SER C 84 -49.81 -1.05 47.44
N LEU C 85 -48.93 -1.82 48.06
CA LEU C 85 -48.59 -3.13 47.55
C LEU C 85 -49.73 -4.08 47.65
N LYS C 86 -49.90 -4.88 46.62
CA LYS C 86 -50.89 -5.96 46.61
C LYS C 86 -50.16 -7.30 46.43
N PRO C 87 -50.81 -8.41 46.83
CA PRO C 87 -50.24 -9.74 46.63
C PRO C 87 -49.72 -10.00 45.22
N GLU C 88 -50.42 -9.43 44.22
CA GLU C 88 -50.04 -9.56 42.79
C GLU C 88 -48.68 -8.87 42.44
N ASP C 89 -48.18 -8.00 43.31
CA ASP C 89 -46.86 -7.43 43.12
C ASP C 89 -45.76 -8.37 43.59
N THR C 90 -46.11 -9.53 44.10
CA THR C 90 -45.12 -10.54 44.52
C THR C 90 -44.27 -11.02 43.34
N ALA C 91 -42.94 -10.93 43.46
CA ALA C 91 -42.04 -11.24 42.37
C ALA C 91 -40.59 -11.02 42.77
N LEU C 92 -39.66 -11.56 41.99
CA LEU C 92 -38.25 -11.15 41.98
C LEU C 92 -38.15 -9.92 41.09
N TYR C 93 -37.59 -8.85 41.61
CA TYR C 93 -37.46 -7.61 40.86
C TYR C 93 -36.01 -7.46 40.42
N TYR C 94 -35.84 -6.94 39.21
CA TYR C 94 -34.55 -6.79 38.55
C TYR C 94 -34.49 -5.42 37.88
N CYS C 95 -33.30 -4.85 37.84
CA CYS C 95 -33.06 -3.64 37.10
C CYS C 95 -32.10 -3.92 35.94
N ASN C 96 -32.17 -3.04 34.92
CA ASN C 96 -31.27 -3.14 33.75
C ASN C 96 -31.28 -1.87 32.94
N ARG C 97 -30.40 -1.75 31.97
CA ARG C 97 -30.58 -0.68 31.03
C ARG C 97 -31.57 -1.14 29.92
N LEU C 98 -32.15 -0.19 29.19
CA LEU C 98 -32.98 -0.47 28.03
C LEU C 98 -32.26 0.11 26.85
N PRO C 99 -32.10 -0.67 25.78
CA PRO C 99 -32.29 -2.11 25.71
C PRO C 99 -31.35 -2.84 26.67
N ASN C 100 -31.63 -4.10 26.92
CA ASN C 100 -31.10 -4.82 28.07
C ASN C 100 -29.67 -5.29 27.87
N TYR C 101 -28.85 -5.20 28.91
CA TYR C 101 -27.58 -5.88 28.92
C TYR C 101 -27.88 -7.39 29.10
N ARG C 102 -27.16 -8.25 28.43
CA ARG C 102 -27.57 -9.65 28.37
C ARG C 102 -27.35 -10.47 29.65
N SER C 103 -26.74 -9.92 30.67
CA SER C 103 -26.52 -10.68 31.91
C SER C 103 -27.20 -9.98 33.01
N TRP C 104 -28.16 -10.63 33.62
CA TRP C 104 -28.93 -10.03 34.67
C TRP C 104 -28.25 -10.21 36.02
N GLY C 105 -28.60 -9.31 36.93
CA GLY C 105 -28.20 -9.45 38.32
C GLY C 105 -29.07 -10.45 39.00
N GLN C 106 -28.90 -10.58 40.31
CA GLN C 106 -29.41 -11.70 41.09
C GLN C 106 -30.89 -11.40 41.46
N GLY C 107 -31.29 -10.13 41.41
CA GLY C 107 -32.65 -9.75 41.72
C GLY C 107 -32.89 -9.53 43.18
N THR C 108 -34.04 -8.95 43.52
CA THR C 108 -34.46 -8.90 44.93
C THR C 108 -35.92 -9.32 45.11
N GLN C 109 -36.14 -10.25 46.04
CA GLN C 109 -37.44 -10.91 46.23
C GLN C 109 -38.38 -9.95 46.95
N VAL C 110 -39.55 -9.73 46.37
CA VAL C 110 -40.63 -9.04 47.05
C VAL C 110 -41.81 -9.98 47.18
N THR C 111 -42.29 -10.10 48.43
CA THR C 111 -43.43 -10.92 48.75
C THR C 111 -44.42 -10.05 49.50
N VAL C 112 -45.67 -10.03 49.04
CA VAL C 112 -46.70 -9.26 49.67
C VAL C 112 -47.82 -10.17 50.13
N SER C 113 -48.07 -10.25 51.43
CA SER C 113 -48.95 -11.26 51.95
C SER C 113 -49.31 -11.07 53.41
N SER C 114 -50.56 -11.37 53.69
CA SER C 114 -51.19 -11.16 54.98
C SER C 114 -50.87 -12.26 55.99
N VAL D 2 14.43 9.86 -27.24
CA VAL D 2 15.01 8.93 -26.23
C VAL D 2 14.94 9.79 -24.99
N GLN D 3 13.69 10.00 -24.58
CA GLN D 3 13.19 11.15 -23.87
C GLN D 3 12.56 10.96 -22.48
N LEU D 4 12.35 12.09 -21.81
CA LEU D 4 11.94 12.15 -20.44
C LEU D 4 11.02 13.31 -20.26
N GLN D 5 9.96 13.11 -19.51
CA GLN D 5 8.93 14.10 -19.45
C GLN D 5 8.09 14.01 -18.20
N GLU D 6 8.35 14.95 -17.33
CA GLU D 6 7.75 15.03 -16.03
C GLU D 6 6.47 15.89 -16.04
N SER D 7 5.55 15.60 -15.14
CA SER D 7 4.37 16.44 -14.94
C SER D 7 3.84 16.19 -13.56
N GLY D 8 2.83 16.94 -13.15
CA GLY D 8 2.17 16.76 -11.84
C GLY D 8 2.45 17.84 -10.76
N GLY D 9 3.41 18.70 -11.03
CA GLY D 9 3.77 19.70 -10.07
C GLY D 9 2.71 20.73 -9.91
N GLY D 10 2.90 21.61 -8.93
CA GLY D 10 2.09 22.78 -8.75
C GLY D 10 2.45 23.44 -7.44
N LEU D 11 1.58 24.31 -6.99
CA LEU D 11 1.68 24.99 -5.76
C LEU D 11 0.80 24.33 -4.69
N VAL D 12 1.39 23.94 -3.56
CA VAL D 12 0.62 23.38 -2.49
C VAL D 12 1.04 23.96 -1.14
N GLN D 13 0.24 23.67 -0.13
CA GLN D 13 0.49 24.09 1.24
C GLN D 13 1.30 23.08 1.98
N PRO D 14 2.06 23.52 3.01
CA PRO D 14 2.81 22.57 3.88
C PRO D 14 1.90 21.58 4.55
N GLY D 15 2.24 20.31 4.47
CA GLY D 15 1.36 19.21 4.92
C GLY D 15 0.62 18.54 3.76
N GLY D 16 0.68 19.18 2.60
CA GLY D 16 -0.07 18.74 1.45
C GLY D 16 0.59 17.59 0.74
N SER D 17 0.05 17.26 -0.41
CA SER D 17 0.37 16.03 -1.08
C SER D 17 0.28 16.22 -2.61
N LEU D 18 1.11 15.53 -3.37
CA LEU D 18 1.19 15.69 -4.81
C LEU D 18 1.70 14.41 -5.38
N ARG D 19 1.21 14.07 -6.56
CA ARG D 19 1.73 12.92 -7.30
C ARG D 19 2.32 13.35 -8.61
N LEU D 20 3.60 13.10 -8.78
CA LEU D 20 4.31 13.44 -10.00
C LEU D 20 4.39 12.23 -10.89
N SER D 21 4.47 12.47 -12.19
CA SER D 21 4.69 11.41 -13.17
C SER D 21 5.84 11.68 -14.09
N CYS D 22 6.44 10.62 -14.57
CA CYS D 22 7.39 10.71 -15.63
C CYS D 22 7.09 9.73 -16.75
N ALA D 23 7.00 10.23 -17.93
CA ALA D 23 6.88 9.36 -19.08
C ALA D 23 8.25 9.24 -19.65
N ALA D 24 8.83 8.06 -19.56
CA ALA D 24 10.09 7.80 -20.21
C ALA D 24 9.98 6.97 -21.45
N SER D 25 10.97 7.08 -22.33
CA SER D 25 11.03 6.15 -23.48
C SER D 25 11.47 4.76 -23.01
N GLY D 26 11.07 3.74 -23.75
CA GLY D 26 11.49 2.36 -23.49
C GLY D 26 12.99 2.12 -23.43
N SER D 27 13.76 2.74 -24.30
CA SER D 27 15.21 2.50 -24.31
C SER D 27 15.89 3.04 -23.01
N ILE D 28 15.38 4.13 -22.47
CA ILE D 28 15.74 4.65 -21.12
C ILE D 28 15.25 3.77 -19.98
N PHE D 29 14.03 3.28 -20.10
CA PHE D 29 13.33 2.76 -18.96
C PHE D 29 13.55 1.26 -18.79
N SER D 30 13.51 0.54 -19.91
CA SER D 30 13.36 -0.90 -19.87
C SER D 30 14.60 -1.52 -19.34
N GLY D 31 14.45 -2.30 -18.27
CA GLY D 31 15.61 -2.99 -17.65
C GLY D 31 16.55 -2.10 -16.89
N ASN D 32 16.16 -0.85 -16.62
CA ASN D 32 17.02 0.10 -15.94
C ASN D 32 16.43 0.56 -14.62
N VAL D 33 17.34 0.83 -13.69
CA VAL D 33 17.01 1.54 -12.47
C VAL D 33 16.56 2.93 -12.85
N MET D 34 15.54 3.44 -12.19
CA MET D 34 15.05 4.77 -12.55
C MET D 34 14.98 5.55 -11.31
N GLY D 35 14.97 6.88 -11.40
CA GLY D 35 14.78 7.66 -10.20
C GLY D 35 14.34 9.09 -10.41
N TRP D 36 14.14 9.77 -9.27
CA TRP D 36 13.76 11.19 -9.20
C TRP D 36 14.87 12.00 -8.52
N TYR D 37 14.95 13.27 -8.89
CA TYR D 37 15.89 14.26 -8.50
C TYR D 37 15.17 15.59 -8.32
N ARG D 38 15.83 16.56 -7.71
CA ARG D 38 15.24 17.88 -7.61
C ARG D 38 16.30 18.93 -7.50
N GLN D 39 15.98 20.15 -7.88
CA GLN D 39 16.94 21.24 -7.91
C GLN D 39 16.30 22.49 -7.29
N ALA D 40 16.76 22.81 -6.11
CA ALA D 40 16.11 23.82 -5.27
C ALA D 40 16.82 25.18 -5.49
N PRO D 41 16.18 26.27 -5.06
CA PRO D 41 16.67 27.57 -5.44
C PRO D 41 18.11 27.89 -5.24
N GLY D 42 18.77 27.49 -4.20
CA GLY D 42 20.21 27.94 -4.35
C GLY D 42 21.22 26.85 -4.62
N LYS D 43 20.76 25.74 -5.18
CA LYS D 43 21.55 24.52 -5.11
C LYS D 43 21.62 23.74 -6.38
N LEU D 44 22.50 22.76 -6.38
CA LEU D 44 22.65 21.89 -7.49
C LEU D 44 21.72 20.74 -7.32
N ARG D 45 21.49 20.01 -8.42
CA ARG D 45 20.55 18.91 -8.45
C ARG D 45 20.91 17.89 -7.33
N GLU D 46 19.91 17.40 -6.63
CA GLU D 46 20.06 16.46 -5.50
C GLU D 46 19.28 15.15 -5.86
N TRP D 47 19.87 13.99 -5.60
CA TRP D 47 19.19 12.71 -5.79
C TRP D 47 18.18 12.50 -4.69
N VAL D 48 17.00 11.97 -5.04
CA VAL D 48 15.86 11.91 -4.10
C VAL D 48 15.38 10.46 -3.84
N ALA D 49 15.27 9.65 -4.89
CA ALA D 49 14.74 8.30 -4.78
C ALA D 49 15.12 7.48 -6.00
N ALA D 50 15.13 6.18 -5.85
CA ALA D 50 15.40 5.30 -6.98
C ALA D 50 14.59 4.01 -6.88
N ILE D 51 14.50 3.26 -7.95
CA ILE D 51 13.70 2.01 -7.93
C ILE D 51 14.20 1.05 -9.01
N THR D 52 14.43 -0.22 -8.65
CA THR D 52 14.99 -1.18 -9.62
C THR D 52 13.92 -1.68 -10.58
N PRO D 53 14.34 -2.35 -11.65
CA PRO D 53 13.33 -3.01 -12.53
C PRO D 53 12.34 -3.91 -11.81
N GLN D 54 12.80 -4.61 -10.77
CA GLN D 54 11.92 -5.48 -9.98
C GLN D 54 11.10 -4.71 -8.99
N GLY D 55 11.28 -3.41 -8.87
CA GLY D 55 10.38 -2.61 -8.02
C GLY D 55 10.81 -2.33 -6.56
N VAL D 56 12.06 -2.59 -6.21
CA VAL D 56 12.61 -2.25 -4.88
C VAL D 56 13.02 -0.78 -4.87
N PRO D 57 12.39 0.05 -3.99
CA PRO D 57 12.68 1.46 -3.86
C PRO D 57 13.73 1.77 -2.78
N ASN D 58 14.42 2.89 -2.92
CA ASN D 58 15.24 3.45 -1.84
C ASN D 58 15.22 4.95 -1.94
N TYR D 59 15.48 5.61 -0.81
CA TYR D 59 15.29 7.07 -0.70
C TYR D 59 16.43 7.81 -0.01
N ALA D 60 16.59 9.08 -0.32
CA ALA D 60 17.48 9.98 0.43
C ALA D 60 16.90 10.25 1.81
N ASP D 61 17.74 10.49 2.78
CA ASP D 61 17.30 10.78 4.16
C ASP D 61 16.29 11.91 4.25
N SER D 62 16.42 12.93 3.39
CA SER D 62 15.57 14.10 3.49
C SER D 62 14.12 13.82 3.08
N VAL D 63 13.88 12.71 2.39
CA VAL D 63 12.51 12.36 2.00
C VAL D 63 12.03 11.01 2.49
N LYS D 64 12.90 10.26 3.13
CA LYS D 64 12.51 8.94 3.58
C LYS D 64 11.36 9.10 4.55
N GLY D 65 10.39 8.16 4.51
CA GLY D 65 9.23 8.18 5.37
C GLY D 65 8.09 9.04 4.83
N ARG D 66 8.34 9.86 3.81
CA ARG D 66 7.32 10.78 3.32
C ARG D 66 6.96 10.65 1.81
N PHE D 67 7.89 10.18 0.96
CA PHE D 67 7.72 10.08 -0.45
C PHE D 67 7.68 8.57 -0.83
N THR D 68 6.97 8.22 -1.91
CA THR D 68 6.91 6.82 -2.41
C THR D 68 7.15 6.82 -3.89
N ILE D 69 8.16 6.07 -4.29
CA ILE D 69 8.49 5.97 -5.70
C ILE D 69 7.93 4.65 -6.20
N SER D 70 7.43 4.67 -7.43
CA SER D 70 6.93 3.42 -8.04
C SER D 70 7.05 3.50 -9.53
N ARG D 71 6.91 2.34 -10.16
CA ARG D 71 7.12 2.30 -11.60
C ARG D 71 6.11 1.38 -12.18
N ASP D 72 5.60 1.73 -13.35
CA ASP D 72 4.74 0.82 -14.12
C ASP D 72 5.48 0.24 -15.33
N ASN D 73 5.90 -1.03 -15.26
CA ASN D 73 6.69 -1.59 -16.35
C ASN D 73 5.89 -1.83 -17.66
N ALA D 74 4.58 -1.87 -17.61
CA ALA D 74 3.81 -1.98 -18.85
C ALA D 74 3.71 -0.64 -19.65
N LYS D 75 3.96 0.50 -19.01
CA LYS D 75 3.73 1.81 -19.67
C LYS D 75 4.96 2.74 -19.59
N ASN D 76 6.09 2.24 -19.19
CA ASN D 76 7.31 3.06 -18.96
C ASN D 76 7.06 4.35 -18.18
N MET D 77 6.30 4.24 -17.09
CA MET D 77 5.92 5.39 -16.32
C MET D 77 6.62 5.24 -14.97
N LEU D 78 7.02 6.39 -14.46
CA LEU D 78 7.61 6.50 -13.14
C LEU D 78 6.80 7.50 -12.36
N TYR D 79 6.56 7.21 -11.08
CA TYR D 79 5.69 8.04 -10.26
C TYR D 79 6.42 8.43 -8.95
N LEU D 80 6.06 9.58 -8.40
CA LEU D 80 6.51 9.94 -7.06
C LEU D 80 5.40 10.57 -6.28
N GLN D 81 4.98 9.87 -5.24
CA GLN D 81 3.94 10.33 -4.37
C GLN D 81 4.63 11.01 -3.23
N MET D 82 4.33 12.28 -3.08
CA MET D 82 4.91 13.16 -2.07
C MET D 82 3.82 13.47 -1.06
N SER D 83 4.07 13.12 0.19
CA SER D 83 3.20 13.48 1.30
C SER D 83 3.98 14.29 2.32
N SER D 84 3.27 14.91 3.24
CA SER D 84 3.82 15.73 4.29
C SER D 84 4.86 16.74 3.76
N LEU D 85 4.45 17.50 2.77
CA LEU D 85 5.35 18.42 2.13
C LEU D 85 5.74 19.51 3.07
N LYS D 86 7.02 19.91 2.98
CA LYS D 86 7.54 21.08 3.66
C LYS D 86 8.07 22.10 2.65
N PRO D 87 8.18 23.37 3.04
CA PRO D 87 8.72 24.42 2.18
C PRO D 87 10.05 24.03 1.53
N GLU D 88 10.86 23.28 2.25
CA GLU D 88 12.16 22.85 1.74
C GLU D 88 12.03 21.84 0.58
N ASP D 89 10.87 21.25 0.38
CA ASP D 89 10.70 20.37 -0.75
C ASP D 89 10.43 21.20 -2.04
N THR D 90 10.35 22.51 -1.94
CA THR D 90 10.22 23.38 -3.08
C THR D 90 11.38 23.21 -4.05
N ALA D 91 11.10 22.89 -5.29
CA ALA D 91 12.16 22.57 -6.26
C ALA D 91 11.58 22.19 -7.59
N LEU D 92 12.43 22.27 -8.61
CA LEU D 92 12.11 21.64 -9.91
C LEU D 92 12.43 20.17 -9.73
N TYR D 93 11.48 19.28 -10.04
CA TYR D 93 11.70 17.82 -9.92
C TYR D 93 11.91 17.21 -11.29
N TYR D 94 12.86 16.26 -11.38
CA TYR D 94 13.29 15.62 -12.62
C TYR D 94 13.43 14.14 -12.40
N CYS D 95 13.19 13.38 -13.45
CA CYS D 95 13.39 11.95 -13.42
C CYS D 95 14.45 11.57 -14.43
N ASN D 96 15.09 10.42 -14.20
CA ASN D 96 16.09 9.90 -15.17
C ASN D 96 16.34 8.43 -14.91
N ARG D 97 17.14 7.77 -15.75
CA ARG D 97 17.61 6.47 -15.35
C ARG D 97 18.85 6.68 -14.49
N LEU D 98 19.23 5.65 -13.73
CA LEU D 98 20.54 5.62 -13.05
C LEU D 98 21.35 4.51 -13.68
N PRO D 99 22.57 4.77 -14.07
CA PRO D 99 23.20 6.07 -14.18
C PRO D 99 22.48 6.90 -15.21
N ASN D 100 22.71 8.20 -15.17
CA ASN D 100 21.88 9.16 -15.85
C ASN D 100 22.09 9.21 -17.36
N TYR D 101 21.01 9.39 -18.12
CA TYR D 101 21.11 9.73 -19.53
C TYR D 101 21.50 11.20 -19.58
N ARG D 102 22.37 11.58 -20.46
CA ARG D 102 22.92 12.92 -20.37
C ARG D 102 22.02 14.11 -20.77
N SER D 103 20.81 13.88 -21.22
CA SER D 103 19.94 14.98 -21.56
C SER D 103 18.74 14.91 -20.70
N TRP D 104 18.53 15.92 -19.91
CA TRP D 104 17.45 15.95 -19.01
C TRP D 104 16.22 16.52 -19.65
N GLY D 105 15.07 16.14 -19.10
CA GLY D 105 13.80 16.73 -19.43
C GLY D 105 13.64 18.08 -18.76
N GLN D 106 12.46 18.67 -18.90
CA GLN D 106 12.20 20.04 -18.56
C GLN D 106 11.95 20.20 -17.04
N GLY D 107 11.58 19.13 -16.37
CA GLY D 107 11.26 19.18 -14.99
C GLY D 107 9.86 19.64 -14.69
N THR D 108 9.41 19.42 -13.46
CA THR D 108 8.09 19.96 -13.04
C THR D 108 8.21 20.66 -11.67
N GLN D 109 7.70 21.88 -11.64
CA GLN D 109 7.88 22.80 -10.51
C GLN D 109 6.99 22.36 -9.40
N VAL D 110 7.57 22.17 -8.22
CA VAL D 110 6.80 22.03 -6.99
C VAL D 110 7.14 23.18 -6.08
N THR D 111 6.10 23.88 -5.64
CA THR D 111 6.21 24.99 -4.70
C THR D 111 5.34 24.70 -3.48
N VAL D 112 5.95 24.76 -2.29
CA VAL D 112 5.23 24.43 -1.02
C VAL D 112 5.31 25.66 -0.16
N SER D 113 4.16 26.25 0.12
CA SER D 113 4.16 27.51 0.80
C SER D 113 2.76 27.83 1.28
N SER D 114 2.62 28.14 2.56
CA SER D 114 1.27 28.26 3.13
C SER D 114 0.54 29.51 2.65
N HIS D 115 -0.80 29.42 2.69
CA HIS D 115 -1.74 30.46 2.22
C HIS D 115 -2.05 31.45 3.35
#